data_6CPR
#
_entry.id   6CPR
#
_cell.length_a   115.280
_cell.length_b   66.504
_cell.length_c   129.356
_cell.angle_alpha   90.000
_cell.angle_beta   103.090
_cell.angle_gamma   90.000
#
_symmetry.space_group_name_H-M   'C 1 2 1'
#
loop_
_entity.id
_entity.type
_entity.pdbx_description
1 polymer 'Tumor necrosis factor ligand superfamily member 9'
2 polymer 'Tumor necrosis factor receptor superfamily member 9'
3 non-polymer GLYCEROL
4 non-polymer 'CHLORIDE ION'
5 non-polymer 'SULFATE ION'
6 non-polymer 2-acetamido-2-deoxy-beta-D-glucopyranose
7 non-polymer 'SODIUM ION'
8 water water
#
loop_
_entity_poly.entity_id
_entity_poly.type
_entity_poly.pdbx_seq_one_letter_code
_entity_poly.pdbx_strand_id
1 'polypeptide(L)'
;DPAGLLDLRQGMFAQLVAQNVLLIDGPLSWYSDPGLAGVSLTGGLSYKEDTKELVVAKAGVYYVFFQLELRRVVAGEGSG
SVSLALHLQPLRSAAGAAALALTVDLPPASSEARNSAFGFQGRLLHLSAGQRLGVHLHTEARARHAWQLTQGATVLGLFR
VTPEI
;
A,B,C
2 'polypeptide(L)'
;SLQDPCSNCPAGTFCDNNRNQICSPCPPNSFSSAGGQRTCDICRQCKGVFRTRKECSSTSNAECDCTPGFHCLGAGCSMC
EQDCKQGQELTKKGCKDCCFGTFNDQKRGICRPWTNCSLDGKSVLVNGTKERDVVCGP
;
D,F,E
#
loop_
_chem_comp.id
_chem_comp.type
_chem_comp.name
_chem_comp.formula
CL non-polymer 'CHLORIDE ION' 'Cl -1'
GOL non-polymer GLYCEROL 'C3 H8 O3'
NA non-polymer 'SODIUM ION' 'Na 1'
NAG D-saccharide, beta linking 2-acetamido-2-deoxy-beta-D-glucopyranose 'C8 H15 N O6'
SO4 non-polymer 'SULFATE ION' 'O4 S -2'
#
# COMPACT_ATOMS: atom_id res chain seq x y z
N GLY A 11 -18.08 19.55 -15.40
CA GLY A 11 -18.27 18.14 -14.97
C GLY A 11 -18.93 18.01 -13.61
N MET A 12 -18.76 16.83 -12.99
CA MET A 12 -19.33 16.53 -11.67
C MET A 12 -18.29 15.84 -10.78
N PHE A 13 -17.51 16.63 -10.05
CA PHE A 13 -16.42 16.10 -9.24
C PHE A 13 -16.05 17.00 -8.09
N ALA A 14 -15.27 16.44 -7.18
CA ALA A 14 -14.69 17.21 -6.10
C ALA A 14 -13.47 16.53 -5.54
N GLN A 15 -12.59 17.36 -5.00
CA GLN A 15 -11.43 16.91 -4.24
C GLN A 15 -11.23 17.84 -3.08
N LEU A 16 -10.97 17.27 -1.92
CA LEU A 16 -10.74 18.04 -0.72
C LEU A 16 -9.41 17.61 -0.12
N VAL A 17 -8.75 18.58 0.52
CA VAL A 17 -7.48 18.36 1.20
C VAL A 17 -7.73 18.54 2.69
N ALA A 18 -7.31 17.56 3.50
CA ALA A 18 -7.51 17.65 4.95
C ALA A 18 -6.70 18.80 5.52
N GLN A 19 -7.30 19.51 6.47
CA GLN A 19 -6.61 20.53 7.28
C GLN A 19 -5.75 19.91 8.40
N ASN A 20 -6.15 18.74 8.89
CA ASN A 20 -5.63 18.22 10.14
C ASN A 20 -4.16 17.85 9.95
N VAL A 21 -3.35 18.14 10.95
CA VAL A 21 -1.95 17.67 10.99
C VAL A 21 -1.69 16.71 12.11
N LEU A 22 -2.26 16.96 13.28
CA LEU A 22 -2.08 16.07 14.43
C LEU A 22 -3.01 14.89 14.37
N LEU A 23 -2.60 13.83 15.04
CA LEU A 23 -3.33 12.57 15.07
C LEU A 23 -4.24 12.52 16.28
N ILE A 24 -5.47 12.94 16.07
CA ILE A 24 -6.48 13.04 17.10
C ILE A 24 -7.68 12.25 16.62
N ASP A 25 -8.17 11.33 17.45
CA ASP A 25 -9.41 10.61 17.14
C ASP A 25 -10.55 11.61 16.97
N GLY A 26 -11.31 11.47 15.89
CA GLY A 26 -12.40 12.41 15.58
C GLY A 26 -12.51 12.72 14.10
N PRO A 27 -13.45 13.61 13.71
CA PRO A 27 -13.73 13.87 12.31
C PRO A 27 -12.77 14.85 11.69
N LEU A 28 -12.39 14.63 10.44
CA LEU A 28 -11.44 15.50 9.72
C LEU A 28 -12.14 16.73 9.18
N SER A 29 -11.49 17.88 9.37
CA SER A 29 -11.78 19.11 8.63
C SER A 29 -11.09 19.14 7.27
N TRP A 30 -11.68 19.90 6.35
CA TRP A 30 -11.28 19.92 4.94
C TRP A 30 -11.21 21.30 4.36
N TYR A 31 -10.11 21.60 3.69
CA TYR A 31 -10.03 22.80 2.86
C TYR A 31 -10.97 22.59 1.72
N SER A 32 -11.87 23.53 1.49
CA SER A 32 -12.89 23.42 0.41
C SER A 32 -12.94 24.59 -0.56
N ASP A 33 -11.94 25.47 -0.54
CA ASP A 33 -11.90 26.64 -1.42
C ASP A 33 -11.08 26.32 -2.68
N PRO A 34 -11.68 26.43 -3.89
CA PRO A 34 -10.98 26.02 -5.13
C PRO A 34 -9.74 26.86 -5.57
N GLY A 35 -9.57 28.04 -4.97
CA GLY A 35 -8.30 28.75 -5.08
C GLY A 35 -7.11 27.99 -4.45
N LEU A 36 -7.37 27.07 -3.53
CA LEU A 36 -6.31 26.24 -2.99
C LEU A 36 -5.90 25.17 -3.98
N ALA A 37 -4.60 24.88 -3.98
CA ALA A 37 -4.02 23.87 -4.84
C ALA A 37 -4.41 22.49 -4.33
N GLY A 38 -4.76 21.60 -5.26
CA GLY A 38 -5.24 20.25 -4.94
C GLY A 38 -6.71 20.16 -4.58
N VAL A 39 -7.40 21.29 -4.56
CA VAL A 39 -8.79 21.37 -4.12
C VAL A 39 -9.69 21.72 -5.33
N SER A 40 -10.76 20.94 -5.52
CA SER A 40 -11.79 21.31 -6.48
C SER A 40 -13.21 20.96 -5.99
N LEU A 41 -14.17 21.82 -6.37
CA LEU A 41 -15.61 21.58 -6.19
C LEU A 41 -16.27 22.06 -7.48
N THR A 42 -17.00 21.18 -8.16
CA THR A 42 -17.71 21.55 -9.38
C THR A 42 -19.05 20.86 -9.46
N GLY A 43 -20.00 21.52 -10.15
CA GLY A 43 -21.35 21.00 -10.31
C GLY A 43 -22.11 21.12 -9.01
N GLY A 44 -23.02 20.18 -8.78
CA GLY A 44 -23.78 20.11 -7.52
C GLY A 44 -23.03 19.38 -6.41
N LEU A 45 -21.95 19.99 -5.92
CA LEU A 45 -21.16 19.46 -4.80
C LEU A 45 -20.76 20.64 -3.93
N SER A 46 -20.89 20.50 -2.62
CA SER A 46 -20.60 21.59 -1.66
C SER A 46 -20.15 21.07 -0.30
N TYR A 47 -19.55 21.94 0.50
CA TYR A 47 -18.94 21.53 1.78
C TYR A 47 -19.57 22.30 2.93
N LYS A 48 -20.19 21.57 3.86
CA LYS A 48 -20.67 22.13 5.11
C LYS A 48 -19.49 22.27 6.06
N GLU A 49 -19.11 23.51 6.32
CA GLU A 49 -18.00 23.82 7.21
C GLU A 49 -18.28 23.37 8.66
N ASP A 50 -19.54 23.49 9.09
CA ASP A 50 -19.88 23.17 10.50
C ASP A 50 -19.84 21.66 10.81
N THR A 51 -20.59 20.86 10.06
CA THR A 51 -20.63 19.40 10.25
C THR A 51 -19.42 18.66 9.63
N LYS A 52 -18.57 19.39 8.89
CA LYS A 52 -17.39 18.83 8.20
C LYS A 52 -17.79 17.74 7.18
N GLU A 53 -18.80 18.04 6.36
CA GLU A 53 -19.36 17.06 5.46
C GLU A 53 -19.33 17.54 4.02
N LEU A 54 -19.08 16.61 3.10
CA LEU A 54 -19.17 16.86 1.69
C LEU A 54 -20.58 16.49 1.26
N VAL A 55 -21.29 17.45 0.66
CA VAL A 55 -22.72 17.30 0.31
C VAL A 55 -22.92 17.14 -1.16
N VAL A 56 -23.53 16.02 -1.55
CA VAL A 56 -23.76 15.66 -2.95
C VAL A 56 -25.16 16.07 -3.37
N ALA A 57 -25.28 16.84 -4.45
CA ALA A 57 -26.59 17.37 -4.88
C ALA A 57 -27.35 16.37 -5.74
N LYS A 58 -26.71 15.86 -6.79
CA LYS A 58 -27.35 14.91 -7.72
C LYS A 58 -26.97 13.45 -7.38
N ALA A 59 -27.97 12.55 -7.43
CA ALA A 59 -27.77 11.13 -7.07
C ALA A 59 -27.17 10.36 -8.23
N GLY A 60 -26.30 9.40 -7.92
CA GLY A 60 -25.62 8.63 -8.97
C GLY A 60 -24.54 7.69 -8.47
N VAL A 61 -23.80 7.09 -9.40
CA VAL A 61 -22.67 6.24 -9.05
C VAL A 61 -21.39 7.03 -9.23
N TYR A 62 -20.60 7.10 -8.16
CA TYR A 62 -19.36 7.83 -8.13
C TYR A 62 -18.23 6.88 -7.81
N TYR A 63 -17.08 7.13 -8.44
CA TYR A 63 -15.81 6.62 -7.97
C TYR A 63 -15.35 7.56 -6.86
N VAL A 64 -15.18 7.00 -5.67
CA VAL A 64 -14.75 7.77 -4.51
C VAL A 64 -13.41 7.18 -4.06
N PHE A 65 -12.44 8.04 -3.82
CA PHE A 65 -11.17 7.60 -3.30
C PHE A 65 -10.73 8.48 -2.11
N PHE A 66 -9.87 7.92 -1.26
CA PHE A 66 -9.08 8.74 -0.35
C PHE A 66 -7.69 8.25 -0.14
N GLN A 67 -6.83 9.23 0.12
CA GLN A 67 -5.39 9.11 0.16
C GLN A 67 -5.04 9.44 1.58
N LEU A 68 -4.06 8.76 2.13
CA LEU A 68 -3.59 9.07 3.47
C LEU A 68 -2.08 8.94 3.48
N GLU A 69 -1.41 10.02 3.87
CA GLU A 69 0.04 10.00 4.04
C GLU A 69 0.45 10.51 5.43
N LEU A 70 1.37 9.79 6.05
CA LEU A 70 1.90 10.14 7.40
C LEU A 70 3.38 10.41 7.31
N ARG A 71 3.87 11.23 8.22
CA ARG A 71 5.29 11.56 8.28
C ARG A 71 5.80 11.44 9.72
N ARG A 72 6.94 10.79 9.92
CA ARG A 72 7.55 10.74 11.26
C ARG A 72 8.15 12.11 11.51
N VAL A 73 7.82 12.68 12.66
CA VAL A 73 8.25 14.03 13.03
C VAL A 73 9.13 14.12 14.29
N VAL A 74 9.24 13.02 15.04
CA VAL A 74 10.25 12.87 16.09
C VAL A 74 11.08 11.64 15.73
N ALA A 75 12.39 11.84 15.70
CA ALA A 75 13.32 10.79 15.32
C ALA A 75 13.28 9.63 16.31
N GLY A 76 13.47 8.42 15.77
CA GLY A 76 13.54 7.18 16.51
C GLY A 76 12.41 6.96 17.47
N GLU A 77 11.22 7.38 17.09
CA GLU A 77 10.09 7.32 17.98
C GLU A 77 8.78 7.15 17.19
N GLY A 78 7.79 6.56 17.87
CA GLY A 78 6.45 6.42 17.33
C GLY A 78 6.26 5.14 16.56
N SER A 79 5.17 4.44 16.88
CA SER A 79 4.72 3.24 16.15
C SER A 79 3.18 3.19 16.18
N GLY A 80 2.61 2.08 15.70
CA GLY A 80 1.16 1.85 15.77
C GLY A 80 0.44 1.89 14.43
N SER A 81 -0.78 2.42 14.43
CA SER A 81 -1.72 2.22 13.33
C SER A 81 -2.61 3.44 13.21
N VAL A 82 -3.00 3.80 11.99
CA VAL A 82 -3.90 4.94 11.77
C VAL A 82 -4.91 4.61 10.72
N SER A 83 -6.17 4.95 10.98
CA SER A 83 -7.27 4.57 10.10
C SER A 83 -8.13 5.75 9.67
N LEU A 84 -8.59 5.69 8.43
CA LEU A 84 -9.66 6.57 7.94
C LEU A 84 -10.91 5.74 7.65
N ALA A 85 -12.06 6.36 7.88
CA ALA A 85 -13.35 5.73 7.69
C ALA A 85 -14.32 6.74 7.11
N LEU A 86 -14.83 6.46 5.91
CA LEU A 86 -15.86 7.29 5.32
C LEU A 86 -17.21 6.80 5.86
N HIS A 87 -18.04 7.74 6.32
CA HIS A 87 -19.41 7.46 6.79
C HIS A 87 -20.42 8.30 6.01
N LEU A 88 -21.50 7.65 5.57
CA LEU A 88 -22.57 8.34 4.83
C LEU A 88 -23.67 8.76 5.78
N GLN A 89 -24.39 9.81 5.38
CA GLN A 89 -25.53 10.32 6.13
C GLN A 89 -26.52 11.00 5.17
N PRO A 90 -27.75 10.51 5.13
CA PRO A 90 -28.30 9.41 5.95
C PRO A 90 -27.73 8.08 5.55
N LEU A 91 -27.69 7.08 6.42
CA LEU A 91 -27.10 5.80 6.02
C LEU A 91 -27.84 5.07 4.91
N ARG A 92 -27.08 4.81 3.86
CA ARG A 92 -27.63 4.13 2.73
C ARG A 92 -28.17 2.83 3.35
N SER A 93 -27.49 2.36 4.39
CA SER A 93 -27.91 1.15 5.03
C SER A 93 -27.51 0.90 6.49
N ALA A 94 -28.38 0.21 7.21
CA ALA A 94 -28.08 -0.26 8.56
C ALA A 94 -27.59 0.74 9.59
N ALA A 95 -26.49 0.38 10.22
CA ALA A 95 -25.86 1.25 11.19
C ALA A 95 -24.37 1.06 11.05
N GLY A 96 -23.64 2.07 11.49
CA GLY A 96 -22.20 1.99 11.48
C GLY A 96 -21.64 1.55 10.16
N ALA A 97 -22.32 1.93 9.09
CA ALA A 97 -21.84 1.59 7.75
C ALA A 97 -20.64 2.46 7.36
N ALA A 98 -19.52 1.80 7.07
CA ALA A 98 -18.29 2.45 6.67
C ALA A 98 -18.10 2.19 5.18
N ALA A 99 -18.58 3.12 4.36
CA ALA A 99 -18.60 2.98 2.88
C ALA A 99 -17.22 2.74 2.23
N LEU A 100 -16.19 3.30 2.87
CA LEU A 100 -14.83 3.20 2.40
C LEU A 100 -13.92 3.27 3.65
N ALA A 101 -12.90 2.43 3.72
CA ALA A 101 -12.10 2.32 4.95
C ALA A 101 -10.65 1.95 4.71
N LEU A 102 -9.73 2.72 5.27
CA LEU A 102 -8.32 2.57 4.96
C LEU A 102 -7.49 2.57 6.24
N THR A 103 -6.65 1.56 6.43
CA THR A 103 -5.67 1.54 7.52
C THR A 103 -4.24 1.53 6.99
N VAL A 104 -3.40 2.35 7.61
CA VAL A 104 -1.99 2.45 7.30
C VAL A 104 -1.24 2.13 8.58
N ASP A 105 -0.27 1.24 8.47
CA ASP A 105 0.57 0.86 9.60
C ASP A 105 1.77 1.78 9.65
N LEU A 106 2.09 2.26 10.85
CA LEU A 106 3.25 3.12 11.06
C LEU A 106 4.43 2.22 11.40
N PRO A 107 5.51 2.24 10.58
CA PRO A 107 6.64 1.34 10.85
C PRO A 107 7.36 1.64 12.18
N PRO A 108 8.05 0.65 12.75
CA PRO A 108 8.54 0.80 14.11
C PRO A 108 9.71 1.75 14.19
N ALA A 109 9.90 2.31 15.38
CA ALA A 109 10.83 3.42 15.60
C ALA A 109 12.26 2.99 15.36
N SER A 111 14.77 1.75 13.74
CA SER A 111 14.71 1.26 12.37
C SER A 111 15.63 2.05 11.44
N GLU A 112 15.70 1.65 10.17
CA GLU A 112 16.52 2.33 9.16
C GLU A 112 15.66 3.06 8.11
N ALA A 113 15.42 4.35 8.38
CA ALA A 113 14.92 5.32 7.41
C ALA A 113 13.55 5.00 6.78
N ARG A 114 12.58 4.60 7.64
CA ARG A 114 11.17 4.49 7.22
C ARG A 114 10.33 5.56 7.95
N ASN A 115 10.41 6.77 7.40
CA ASN A 115 9.81 7.95 8.02
C ASN A 115 8.49 8.37 7.40
N SER A 116 7.96 7.59 6.46
CA SER A 116 6.66 7.89 5.86
C SER A 116 5.80 6.65 5.76
N ALA A 117 4.54 6.85 5.43
CA ALA A 117 3.60 5.76 5.27
C ALA A 117 2.41 6.20 4.36
N PHE A 118 2.11 5.40 3.34
CA PHE A 118 1.10 5.75 2.34
C PHE A 118 -0.07 4.79 2.36
N GLY A 119 -1.23 5.32 2.03
CA GLY A 119 -2.42 4.53 1.82
C GLY A 119 -3.20 5.13 0.68
N PHE A 120 -3.72 4.29 -0.16
CA PHE A 120 -4.75 4.69 -1.14
C PHE A 120 -5.82 3.61 -1.24
N GLN A 121 -7.09 4.05 -1.26
CA GLN A 121 -8.21 3.17 -1.55
C GLN A 121 -9.27 3.86 -2.38
N GLY A 122 -9.87 3.12 -3.29
CA GLY A 122 -10.92 3.63 -4.16
C GLY A 122 -11.96 2.56 -4.39
N ARG A 123 -13.23 2.98 -4.50
CA ARG A 123 -14.29 2.17 -5.11
C ARG A 123 -15.47 3.00 -5.69
N LEU A 124 -16.36 2.31 -6.40
CA LEU A 124 -17.61 2.88 -6.88
C LEU A 124 -18.60 2.83 -5.73
N LEU A 125 -19.24 3.98 -5.44
CA LEU A 125 -20.32 4.09 -4.45
C LEU A 125 -21.57 4.67 -5.08
N HIS A 126 -22.73 4.13 -4.73
CA HIS A 126 -24.03 4.69 -5.11
C HIS A 126 -24.34 5.77 -4.07
N LEU A 127 -24.55 7.01 -4.51
CA LEU A 127 -24.83 8.13 -3.60
C LEU A 127 -26.14 8.85 -3.93
N SER A 128 -26.94 9.09 -2.91
CA SER A 128 -28.28 9.70 -3.03
C SER A 128 -28.21 11.20 -3.10
N ALA A 129 -29.33 11.83 -3.42
CA ALA A 129 -29.42 13.29 -3.44
C ALA A 129 -29.33 13.78 -2.01
N GLY A 130 -28.50 14.79 -1.80
CA GLY A 130 -28.21 15.30 -0.45
C GLY A 130 -27.31 14.43 0.44
N GLN A 131 -26.71 13.38 -0.11
CA GLN A 131 -25.90 12.45 0.65
C GLN A 131 -24.72 13.22 1.21
N ARG A 132 -24.47 13.03 2.50
CA ARG A 132 -23.37 13.72 3.19
C ARG A 132 -22.25 12.72 3.50
N LEU A 133 -21.03 13.07 3.10
CA LEU A 133 -19.83 12.24 3.28
C LEU A 133 -18.95 12.94 4.26
N GLY A 134 -18.57 12.24 5.32
CA GLY A 134 -17.62 12.74 6.30
C GLY A 134 -16.60 11.67 6.60
N VAL A 135 -15.45 12.05 7.13
CA VAL A 135 -14.36 11.09 7.34
C VAL A 135 -13.93 11.15 8.78
N HIS A 136 -13.93 9.99 9.44
CA HIS A 136 -13.46 9.88 10.81
C HIS A 136 -12.06 9.32 10.79
N LEU A 137 -11.16 9.97 11.52
CA LEU A 137 -9.77 9.49 11.68
C LEU A 137 -9.67 8.74 13.00
N HIS A 138 -9.18 7.50 12.96
CA HIS A 138 -8.89 6.78 14.20
C HIS A 138 -7.41 6.49 14.29
N THR A 139 -6.82 6.60 15.47
CA THR A 139 -5.41 6.31 15.67
C THR A 139 -5.18 5.35 16.85
N GLU A 140 -4.43 4.29 16.60
CA GLU A 140 -3.92 3.43 17.67
C GLU A 140 -2.74 4.19 18.28
N ALA A 141 -3.02 5.02 19.25
CA ALA A 141 -1.92 5.80 19.73
C ALA A 141 -0.85 4.96 20.39
N ARG A 142 0.34 5.05 19.84
CA ARG A 142 1.53 4.43 20.41
C ARG A 142 2.33 5.66 20.79
N ALA A 143 2.46 6.55 19.83
CA ALA A 143 2.98 7.87 20.02
C ALA A 143 2.07 8.64 19.08
N ARG A 144 1.38 9.64 19.60
CA ARG A 144 0.63 10.46 18.71
C ARG A 144 1.37 11.77 18.48
N HIS A 145 2.49 11.96 19.17
CA HIS A 145 3.29 13.15 19.05
C HIS A 145 4.42 12.98 18.08
N ALA A 146 4.85 11.75 17.92
CA ALA A 146 5.89 11.40 16.95
C ALA A 146 5.53 11.41 15.47
N TRP A 147 4.31 11.06 15.15
CA TRP A 147 3.80 11.02 13.77
C TRP A 147 2.82 12.16 13.55
N GLN A 148 2.72 12.60 12.30
CA GLN A 148 1.72 13.59 11.89
C GLN A 148 1.25 13.32 10.46
N LEU A 149 0.06 13.83 10.14
CA LEU A 149 -0.42 13.83 8.73
C LEU A 149 0.49 14.68 7.88
N THR A 150 0.89 14.14 6.74
CA THR A 150 1.59 14.92 5.74
C THR A 150 0.60 15.87 5.08
N GLN A 151 0.95 17.16 5.10
CA GLN A 151 0.04 18.20 4.67
C GLN A 151 -0.09 18.23 3.19
N GLY A 152 -1.28 18.52 2.70
CA GLY A 152 -1.55 18.52 1.26
C GLY A 152 -1.53 17.14 0.62
N ALA A 153 -1.67 16.09 1.43
CA ALA A 153 -1.56 14.71 0.95
C ALA A 153 -2.66 13.75 1.40
N THR A 154 -3.42 14.13 2.44
CA THR A 154 -4.60 13.39 2.86
C THR A 154 -5.78 14.00 2.13
N VAL A 155 -6.27 13.27 1.15
CA VAL A 155 -7.18 13.79 0.15
C VAL A 155 -8.41 12.90 0.07
N LEU A 156 -9.59 13.51 -0.01
CA LEU A 156 -10.81 12.80 -0.37
C LEU A 156 -11.25 13.31 -1.75
N GLY A 157 -11.54 12.39 -2.66
CA GLY A 157 -12.00 12.76 -3.98
C GLY A 157 -13.14 11.91 -4.51
N LEU A 158 -13.82 12.47 -5.50
CA LEU A 158 -14.82 11.72 -6.22
C LEU A 158 -15.16 12.40 -7.50
N PHE A 159 -15.59 11.60 -8.47
CA PHE A 159 -16.17 12.08 -9.70
C PHE A 159 -17.29 11.14 -10.12
N ARG A 160 -18.27 11.72 -10.83
CA ARG A 160 -19.47 11.02 -11.21
C ARG A 160 -19.17 10.14 -12.41
N VAL A 161 -19.63 8.91 -12.36
CA VAL A 161 -19.49 7.93 -13.45
C VAL A 161 -20.78 7.85 -14.29
N THR A 162 -21.91 7.73 -13.61
CA THR A 162 -23.24 7.83 -14.25
C THR A 162 -23.27 9.08 -15.16
N PRO A 163 -23.59 8.91 -16.47
CA PRO A 163 -23.82 10.08 -17.33
C PRO A 163 -25.05 10.89 -16.93
N GLY B 11 -12.03 8.92 -26.93
CA GLY B 11 -11.96 9.60 -25.60
C GLY B 11 -10.74 10.46 -25.42
N MET B 12 -10.41 10.74 -24.16
CA MET B 12 -9.26 11.59 -23.79
C MET B 12 -8.46 10.95 -22.63
N PHE B 13 -7.51 10.11 -22.99
CA PHE B 13 -6.73 9.36 -22.00
C PHE B 13 -5.38 8.93 -22.51
N ALA B 14 -4.54 8.50 -21.56
CA ALA B 14 -3.25 7.92 -21.89
C ALA B 14 -2.73 7.06 -20.74
N GLN B 15 -1.96 6.04 -21.14
CA GLN B 15 -1.24 5.22 -20.22
C GLN B 15 0.12 4.93 -20.81
N LEU B 16 1.14 5.02 -19.98
CA LEU B 16 2.51 4.79 -20.39
C LEU B 16 3.15 3.78 -19.47
N VAL B 17 4.04 2.99 -20.02
CA VAL B 17 4.76 1.96 -19.28
C VAL B 17 6.23 2.36 -19.24
N ALA B 18 6.82 2.38 -18.04
CA ALA B 18 8.23 2.77 -17.90
C ALA B 18 9.17 1.76 -18.57
N GLN B 19 10.18 2.29 -19.26
CA GLN B 19 11.24 1.49 -19.86
C GLN B 19 12.27 1.04 -18.84
N ASN B 20 12.43 1.83 -17.79
CA ASN B 20 13.57 1.69 -16.89
C ASN B 20 13.43 0.38 -16.13
N VAL B 21 14.56 -0.30 -15.93
CA VAL B 21 14.59 -1.48 -15.03
C VAL B 21 15.49 -1.28 -13.83
N LEU B 22 16.63 -0.63 -14.01
CA LEU B 22 17.55 -0.36 -12.91
C LEU B 22 17.14 0.87 -12.14
N LEU B 23 17.57 0.89 -10.88
CA LEU B 23 17.21 1.94 -9.93
C LEU B 23 18.27 3.02 -9.92
N ILE B 24 18.06 4.03 -10.74
CA ILE B 24 18.99 5.11 -10.96
C ILE B 24 18.22 6.39 -10.70
N ASP B 25 18.77 7.25 -9.85
CA ASP B 25 18.19 8.58 -9.63
C ASP B 25 18.17 9.34 -10.95
N GLY B 26 17.03 9.94 -11.28
CA GLY B 26 16.83 10.62 -12.56
C GLY B 26 15.45 10.37 -13.17
N PRO B 27 15.18 11.00 -14.33
CA PRO B 27 13.85 10.96 -14.93
C PRO B 27 13.58 9.64 -15.66
N LEU B 28 12.33 9.16 -15.59
CA LEU B 28 11.95 7.91 -16.24
C LEU B 28 11.67 8.15 -17.73
N SER B 29 12.17 7.24 -18.55
CA SER B 29 11.72 7.04 -19.92
C SER B 29 10.47 6.16 -19.99
N TRP B 30 9.70 6.33 -21.04
CA TRP B 30 8.39 5.70 -21.21
C TRP B 30 8.16 5.13 -22.60
N TYR B 31 7.68 3.89 -22.65
CA TYR B 31 7.14 3.34 -23.88
C TYR B 31 5.86 4.11 -24.20
N SER B 32 5.77 4.66 -25.41
CA SER B 32 4.62 5.49 -25.84
C SER B 32 3.93 5.03 -27.13
N ASP B 33 4.29 3.85 -27.65
CA ASP B 33 3.71 3.32 -28.90
C ASP B 33 2.49 2.42 -28.59
N PRO B 34 1.29 2.76 -29.11
CA PRO B 34 0.06 2.03 -28.75
C PRO B 34 -0.05 0.57 -29.23
N GLY B 35 0.84 0.15 -30.14
CA GLY B 35 1.03 -1.27 -30.42
C GLY B 35 1.56 -2.07 -29.23
N LEU B 36 2.22 -1.41 -28.27
CA LEU B 36 2.64 -2.07 -27.05
C LEU B 36 1.47 -2.31 -26.14
N ALA B 37 1.51 -3.44 -25.44
CA ALA B 37 0.50 -3.84 -24.48
C ALA B 37 0.65 -3.00 -23.22
N GLY B 38 -0.48 -2.56 -22.69
CA GLY B 38 -0.50 -1.70 -21.51
C GLY B 38 -0.27 -0.24 -21.81
N VAL B 39 -0.12 0.10 -23.09
CA VAL B 39 0.17 1.47 -23.51
C VAL B 39 -1.02 2.02 -24.34
N SER B 40 -1.48 3.22 -24.00
CA SER B 40 -2.43 3.94 -24.84
C SER B 40 -2.18 5.48 -24.87
N LEU B 41 -2.43 6.06 -26.05
CA LEU B 41 -2.44 7.50 -26.25
C LEU B 41 -3.64 7.78 -27.15
N THR B 42 -4.57 8.61 -26.69
CA THR B 42 -5.75 8.98 -27.49
C THR B 42 -6.11 10.44 -27.31
N GLY B 43 -6.70 11.02 -28.36
CA GLY B 43 -7.09 12.43 -28.35
C GLY B 43 -5.87 13.31 -28.42
N GLY B 44 -5.96 14.48 -27.80
CA GLY B 44 -4.83 15.42 -27.74
C GLY B 44 -3.86 15.12 -26.61
N LEU B 45 -3.13 14.02 -26.76
CA LEU B 45 -2.10 13.60 -25.79
C LEU B 45 -0.94 13.00 -26.59
N SER B 46 0.29 13.36 -26.23
CA SER B 46 1.48 12.94 -26.97
C SER B 46 2.73 12.86 -26.07
N TYR B 47 3.76 12.19 -26.55
CA TYR B 47 4.95 11.95 -25.74
C TYR B 47 6.19 12.52 -26.44
N LYS B 48 6.86 13.47 -25.77
CA LYS B 48 8.17 13.96 -26.19
C LYS B 48 9.21 12.96 -25.77
N GLU B 49 9.79 12.28 -26.76
CA GLU B 49 10.82 11.30 -26.51
C GLU B 49 12.09 11.93 -25.91
N ASP B 50 12.44 13.16 -26.34
CA ASP B 50 13.69 13.80 -25.88
C ASP B 50 13.64 14.24 -24.42
N THR B 51 12.66 15.06 -24.05
CA THR B 51 12.52 15.53 -22.67
C THR B 51 11.86 14.50 -21.73
N LYS B 52 11.38 13.37 -22.28
CA LYS B 52 10.69 12.31 -21.51
C LYS B 52 9.42 12.85 -20.81
N GLU B 53 8.60 13.56 -21.57
CA GLU B 53 7.44 14.23 -21.01
C GLU B 53 6.17 13.82 -21.74
N LEU B 54 5.08 13.73 -20.98
CA LEU B 54 3.75 13.50 -21.51
C LEU B 54 3.12 14.88 -21.69
N VAL B 55 2.69 15.18 -22.91
CA VAL B 55 2.19 16.51 -23.27
C VAL B 55 0.69 16.49 -23.46
N VAL B 56 0.01 17.33 -22.69
CA VAL B 56 -1.44 17.43 -22.70
C VAL B 56 -1.88 18.58 -23.60
N ALA B 57 -2.75 18.30 -24.57
CA ALA B 57 -3.17 19.30 -25.56
C ALA B 57 -4.31 20.18 -25.07
N LYS B 58 -5.38 19.56 -24.58
CA LYS B 58 -6.57 20.29 -24.07
C LYS B 58 -6.54 20.40 -22.53
N ALA B 59 -6.87 21.59 -22.02
CA ALA B 59 -6.87 21.86 -20.57
C ALA B 59 -8.12 21.33 -19.88
N GLY B 60 -7.96 20.84 -18.66
CA GLY B 60 -9.08 20.24 -17.93
C GLY B 60 -8.68 19.58 -16.61
N VAL B 61 -9.65 18.91 -15.99
CA VAL B 61 -9.43 18.14 -14.78
C VAL B 61 -9.30 16.65 -15.15
N TYR B 62 -8.18 16.06 -14.76
CA TYR B 62 -7.87 14.68 -15.06
C TYR B 62 -7.68 13.93 -13.76
N TYR B 63 -8.11 12.67 -13.76
CA TYR B 63 -7.65 11.71 -12.78
C TYR B 63 -6.30 11.18 -13.29
N VAL B 64 -5.25 11.39 -12.50
CA VAL B 64 -3.91 10.95 -12.86
C VAL B 64 -3.48 9.95 -11.78
N PHE B 65 -2.96 8.81 -12.22
CA PHE B 65 -2.47 7.80 -11.31
C PHE B 65 -1.12 7.25 -11.79
N PHE B 66 -0.31 6.81 -10.83
CA PHE B 66 0.83 5.98 -11.17
C PHE B 66 1.02 4.81 -10.24
N GLN B 67 1.60 3.77 -10.81
CA GLN B 67 1.75 2.47 -10.23
C GLN B 67 3.26 2.28 -10.16
N LEU B 68 3.72 1.62 -9.12
CA LEU B 68 5.13 1.31 -8.99
C LEU B 68 5.28 -0.06 -8.40
N GLU B 69 5.96 -0.96 -9.12
CA GLU B 69 6.26 -2.29 -8.62
C GLU B 69 7.76 -2.61 -8.69
N LEU B 70 8.30 -3.17 -7.60
CA LEU B 70 9.71 -3.55 -7.49
C LEU B 70 9.84 -5.05 -7.28
N ARG B 71 10.94 -5.61 -7.74
CA ARG B 71 11.22 -7.02 -7.58
C ARG B 71 12.65 -7.23 -7.04
N ARG B 72 12.80 -8.08 -6.02
CA ARG B 72 14.13 -8.43 -5.52
C ARG B 72 14.76 -9.34 -6.54
N VAL B 73 15.98 -9.00 -6.96
CA VAL B 73 16.69 -9.73 -8.02
C VAL B 73 17.99 -10.40 -7.58
N VAL B 74 18.48 -10.08 -6.40
CA VAL B 74 19.56 -10.83 -5.75
C VAL B 74 19.02 -11.32 -4.44
N ALA B 75 19.14 -12.62 -4.22
CA ALA B 75 18.62 -13.24 -3.00
C ALA B 75 19.32 -12.72 -1.73
N GLY B 76 18.53 -12.63 -0.66
CA GLY B 76 18.97 -12.22 0.69
C GLY B 76 19.72 -10.91 0.74
N GLU B 77 19.33 -9.97 -0.10
CA GLU B 77 20.08 -8.73 -0.24
C GLU B 77 19.16 -7.58 -0.65
N GLY B 78 19.60 -6.37 -0.32
CA GLY B 78 18.91 -5.16 -0.71
C GLY B 78 17.87 -4.76 0.31
N SER B 79 17.88 -3.48 0.68
CA SER B 79 16.85 -2.84 1.50
C SER B 79 16.71 -1.36 1.06
N GLY B 80 15.92 -0.58 1.79
CA GLY B 80 15.81 0.88 1.57
C GLY B 80 14.45 1.33 1.08
N SER B 81 14.46 2.33 0.20
CA SER B 81 13.26 3.12 -0.11
C SER B 81 13.35 3.61 -1.54
N VAL B 82 12.23 3.65 -2.26
CA VAL B 82 12.20 4.14 -3.65
C VAL B 82 11.00 5.04 -3.87
N SER B 83 11.22 6.16 -4.54
CA SER B 83 10.18 7.15 -4.70
C SER B 83 9.95 7.58 -6.14
N LEU B 84 8.69 7.83 -6.48
CA LEU B 84 8.33 8.50 -7.74
C LEU B 84 7.77 9.84 -7.40
N ALA B 85 7.98 10.79 -8.30
CA ALA B 85 7.53 12.15 -8.14
C ALA B 85 7.12 12.73 -9.50
N LEU B 86 5.84 13.08 -9.64
CA LEU B 86 5.35 13.73 -10.84
C LEU B 86 5.61 15.23 -10.73
N HIS B 87 6.19 15.81 -11.78
CA HIS B 87 6.49 17.24 -11.86
C HIS B 87 5.82 17.82 -13.10
N LEU B 88 5.15 18.96 -12.93
CA LEU B 88 4.50 19.67 -14.03
C LEU B 88 5.41 20.74 -14.61
N GLN B 89 5.19 21.06 -15.88
CA GLN B 89 5.94 22.10 -16.56
C GLN B 89 5.07 22.68 -17.68
N PRO B 90 4.79 23.99 -17.71
CA PRO B 90 5.28 24.98 -16.75
C PRO B 90 4.74 24.78 -15.34
N LEU B 91 5.48 25.29 -14.35
CA LEU B 91 5.15 25.12 -12.94
C LEU B 91 3.79 25.76 -12.65
N ARG B 92 2.74 24.94 -12.71
CA ARG B 92 1.34 25.39 -12.51
C ARG B 92 1.21 26.21 -11.23
N ALA B 94 4.15 27.25 -8.29
CA ALA B 94 5.10 27.41 -7.18
C ALA B 94 6.47 26.82 -7.48
N ALA B 95 7.26 26.63 -6.43
CA ALA B 95 8.62 26.12 -6.50
C ALA B 95 8.61 24.63 -6.19
N GLY B 96 9.36 23.83 -6.98
CA GLY B 96 9.51 22.40 -6.75
C GLY B 96 8.22 21.63 -6.45
N ALA B 97 7.16 21.96 -7.20
CA ALA B 97 5.83 21.39 -6.99
C ALA B 97 5.74 19.95 -7.49
N ALA B 98 5.43 19.03 -6.56
CA ALA B 98 5.32 17.61 -6.86
C ALA B 98 3.83 17.25 -6.85
N ALA B 99 3.20 17.31 -8.03
CA ALA B 99 1.74 17.14 -8.18
C ALA B 99 1.18 15.81 -7.67
N LEU B 100 2.02 14.79 -7.70
CA LEU B 100 1.67 13.44 -7.27
C LEU B 100 2.98 12.78 -6.80
N ALA B 101 2.96 12.06 -5.69
CA ALA B 101 4.20 11.54 -5.13
C ALA B 101 3.98 10.24 -4.39
N LEU B 102 4.79 9.23 -4.70
CA LEU B 102 4.62 7.88 -4.17
C LEU B 102 5.95 7.30 -3.66
N THR B 103 5.98 6.85 -2.41
CA THR B 103 7.12 6.11 -1.88
C THR B 103 6.74 4.67 -1.52
N VAL B 104 7.60 3.74 -1.91
CA VAL B 104 7.47 2.34 -1.62
C VAL B 104 8.70 1.90 -0.87
N ASP B 105 8.49 1.26 0.28
CA ASP B 105 9.58 0.74 1.13
C ASP B 105 9.94 -0.65 0.66
N LEU B 106 11.24 -0.89 0.53
CA LEU B 106 11.76 -2.19 0.15
C LEU B 106 11.98 -3.01 1.45
N PRO B 107 11.29 -4.15 1.60
CA PRO B 107 11.46 -4.92 2.85
C PRO B 107 12.89 -5.46 3.03
N PRO B 108 13.29 -5.72 4.30
CA PRO B 108 14.69 -6.04 4.58
C PRO B 108 15.10 -7.41 4.06
N ALA B 109 16.39 -7.55 3.83
CA ALA B 109 16.96 -8.70 3.13
C ALA B 109 16.73 -10.00 3.89
N SER B 111 15.12 -12.28 5.57
CA SER B 111 13.67 -12.28 5.77
C SER B 111 13.04 -13.53 5.14
N GLU B 112 11.72 -13.67 5.27
CA GLU B 112 10.98 -14.80 4.72
C GLU B 112 10.07 -14.37 3.55
N ALA B 113 10.61 -14.47 2.34
CA ALA B 113 9.84 -14.44 1.09
C ALA B 113 9.05 -13.15 0.86
N ARG B 114 9.73 -12.02 0.92
CA ARG B 114 9.13 -10.72 0.64
C ARG B 114 10.00 -10.14 -0.48
N ASN B 115 9.75 -10.61 -1.69
CA ASN B 115 10.57 -10.29 -2.84
C ASN B 115 9.94 -9.27 -3.78
N SER B 116 8.80 -8.69 -3.40
CA SER B 116 8.17 -7.64 -4.20
C SER B 116 7.69 -6.49 -3.33
N ALA B 117 7.30 -5.40 -3.99
CA ALA B 117 6.81 -4.22 -3.32
C ALA B 117 5.94 -3.37 -4.27
N PHE B 118 4.73 -3.02 -3.83
CA PHE B 118 3.74 -2.34 -4.67
C PHE B 118 3.44 -0.95 -4.12
N GLY B 119 3.10 -0.07 -5.05
CA GLY B 119 2.60 1.26 -4.74
C GLY B 119 1.58 1.64 -5.79
N PHE B 120 0.52 2.27 -5.32
CA PHE B 120 -0.42 2.94 -6.20
C PHE B 120 -0.85 4.25 -5.54
N GLN B 121 -0.93 5.32 -6.33
CA GLN B 121 -1.53 6.56 -5.93
C GLN B 121 -2.27 7.22 -7.09
N GLY B 122 -3.37 7.87 -6.77
CA GLY B 122 -4.18 8.59 -7.73
C GLY B 122 -4.75 9.84 -7.11
N ARG B 123 -4.90 10.89 -7.92
CA ARG B 123 -5.76 12.03 -7.62
C ARG B 123 -6.23 12.83 -8.86
N LEU B 124 -7.17 13.74 -8.65
CA LEU B 124 -7.62 14.68 -9.66
C LEU B 124 -6.69 15.86 -9.74
N LEU B 125 -6.16 16.15 -10.92
CA LEU B 125 -5.26 17.29 -11.16
C LEU B 125 -5.83 18.19 -12.23
N HIS B 126 -5.73 19.50 -12.02
CA HIS B 126 -6.11 20.50 -13.04
C HIS B 126 -4.88 20.65 -13.94
N LEU B 127 -5.05 20.43 -15.23
CA LEU B 127 -3.93 20.51 -16.18
C LEU B 127 -4.22 21.48 -17.32
N SER B 128 -3.23 22.32 -17.61
CA SER B 128 -3.35 23.38 -18.62
C SER B 128 -3.08 22.86 -20.02
N ALA B 129 -3.35 23.69 -21.01
CA ALA B 129 -3.02 23.36 -22.39
C ALA B 129 -1.51 23.37 -22.55
N GLY B 130 -0.98 22.33 -23.18
CA GLY B 130 0.47 22.13 -23.31
C GLY B 130 1.22 21.69 -22.04
N GLN B 131 0.48 21.32 -21.00
CA GLN B 131 1.09 20.94 -19.74
C GLN B 131 1.94 19.71 -19.99
N ARG B 132 3.16 19.73 -19.47
CA ARG B 132 4.09 18.62 -19.62
C ARG B 132 4.26 17.92 -18.28
N LEU B 133 4.07 16.59 -18.30
CA LEU B 133 4.16 15.72 -17.12
C LEU B 133 5.37 14.85 -17.25
N GLY B 134 6.26 14.87 -16.27
CA GLY B 134 7.42 13.99 -16.25
C GLY B 134 7.57 13.38 -14.88
N VAL B 135 8.28 12.28 -14.77
CA VAL B 135 8.35 11.57 -13.51
C VAL B 135 9.79 11.36 -13.15
N HIS B 136 10.17 11.79 -11.94
CA HIS B 136 11.53 11.61 -11.44
C HIS B 136 11.50 10.42 -10.49
N LEU B 137 12.44 9.51 -10.66
CA LEU B 137 12.60 8.37 -9.75
C LEU B 137 13.71 8.70 -8.78
N HIS B 138 13.45 8.58 -7.48
CA HIS B 138 14.51 8.70 -6.49
C HIS B 138 14.66 7.41 -5.72
N THR B 139 15.89 7.02 -5.40
CA THR B 139 16.15 5.80 -4.63
C THR B 139 17.08 6.07 -3.47
N GLU B 140 16.68 5.61 -2.29
CA GLU B 140 17.55 5.53 -1.11
C GLU B 140 18.42 4.31 -1.35
N ALA B 141 19.55 4.51 -2.02
CA ALA B 141 20.49 3.43 -2.38
C ALA B 141 20.92 2.58 -1.16
N ARG B 142 20.53 1.31 -1.15
CA ARG B 142 21.09 0.31 -0.22
C ARG B 142 21.19 -1.01 -0.96
N ALA B 143 22.33 -1.22 -1.62
CA ALA B 143 22.46 -2.21 -2.69
C ALA B 143 21.31 -2.06 -3.69
N ARG B 144 21.37 -0.99 -4.50
CA ARG B 144 20.40 -0.75 -5.58
C ARG B 144 20.54 -1.70 -6.78
N HIS B 145 21.58 -2.54 -6.80
CA HIS B 145 21.66 -3.69 -7.74
C HIS B 145 20.81 -4.89 -7.34
N ALA B 146 20.44 -5.00 -6.06
CA ALA B 146 19.64 -6.13 -5.54
C ALA B 146 18.14 -6.02 -5.83
N TRP B 147 17.67 -4.80 -6.11
CA TRP B 147 16.28 -4.55 -6.50
C TRP B 147 16.20 -3.97 -7.92
N GLN B 148 15.10 -4.23 -8.59
CA GLN B 148 14.85 -3.64 -9.91
C GLN B 148 13.37 -3.36 -10.08
N LEU B 149 13.05 -2.41 -10.95
CA LEU B 149 11.66 -2.19 -11.39
C LEU B 149 11.11 -3.45 -12.04
N THR B 150 9.93 -3.87 -11.64
CA THR B 150 9.19 -4.91 -12.33
C THR B 150 8.70 -4.36 -13.68
N GLN B 151 9.03 -5.05 -14.75
CA GLN B 151 8.77 -4.55 -16.09
C GLN B 151 7.32 -4.70 -16.45
N GLY B 152 6.79 -3.72 -17.18
CA GLY B 152 5.39 -3.69 -17.54
C GLY B 152 4.45 -3.43 -16.37
N ALA B 153 4.98 -2.83 -15.29
CA ALA B 153 4.21 -2.62 -14.05
C ALA B 153 4.34 -1.23 -13.41
N THR B 154 5.34 -0.45 -13.82
CA THR B 154 5.47 0.94 -13.44
C THR B 154 4.81 1.72 -14.55
N VAL B 155 3.64 2.26 -14.21
CA VAL B 155 2.70 2.81 -15.17
C VAL B 155 2.33 4.22 -14.73
N LEU B 156 2.26 5.14 -15.69
CA LEU B 156 1.62 6.44 -15.49
C LEU B 156 0.37 6.48 -16.35
N GLY B 157 -0.74 6.90 -15.77
CA GLY B 157 -1.98 7.01 -16.51
C GLY B 157 -2.81 8.22 -16.18
N LEU B 158 -3.71 8.55 -17.09
CA LEU B 158 -4.68 9.59 -16.88
C LEU B 158 -5.81 9.51 -17.87
N PHE B 159 -6.96 10.00 -17.43
CA PHE B 159 -8.08 10.22 -18.31
C PHE B 159 -8.79 11.49 -17.87
N ARG B 160 -9.46 12.11 -18.84
CA ARG B 160 -10.09 13.39 -18.64
C ARG B 160 -11.42 13.14 -17.96
N VAL B 161 -11.73 13.95 -16.94
CA VAL B 161 -13.00 13.92 -16.21
C VAL B 161 -13.94 15.02 -16.69
N THR B 162 -13.43 16.24 -16.81
CA THR B 162 -14.16 17.35 -17.44
C THR B 162 -14.75 16.88 -18.79
N PRO B 163 -16.08 17.01 -18.99
CA PRO B 163 -16.66 16.77 -20.31
C PRO B 163 -16.19 17.77 -21.37
N GLY C 11 -25.09 4.42 -17.33
CA GLY C 11 -23.64 4.38 -17.69
C GLY C 11 -23.15 3.00 -18.07
N MET C 12 -21.83 2.80 -17.97
CA MET C 12 -21.17 1.55 -18.30
C MET C 12 -20.12 1.18 -17.24
N PHE C 13 -20.56 0.42 -16.23
CA PHE C 13 -19.70 0.07 -15.10
C PHE C 13 -20.16 -1.17 -14.38
N ALA C 14 -19.29 -1.67 -13.52
CA ALA C 14 -19.62 -2.77 -12.64
C ALA C 14 -18.66 -2.85 -11.48
N GLN C 15 -19.21 -3.36 -10.38
CA GLN C 15 -18.45 -3.66 -9.19
C GLN C 15 -18.97 -4.94 -8.62
N LEU C 16 -18.05 -5.79 -8.20
CA LEU C 16 -18.37 -7.08 -7.64
C LEU C 16 -17.63 -7.23 -6.33
N VAL C 17 -18.26 -7.95 -5.41
CA VAL C 17 -17.71 -8.23 -4.08
C VAL C 17 -17.44 -9.72 -3.99
N ALA C 18 -16.22 -10.08 -3.61
CA ALA C 18 -15.84 -11.49 -3.49
C ALA C 18 -16.66 -12.18 -2.40
N GLN C 19 -17.09 -13.41 -2.71
CA GLN C 19 -17.75 -14.30 -1.74
C GLN C 19 -16.76 -14.98 -0.81
N ASN C 20 -15.54 -15.17 -1.29
CA ASN C 20 -14.60 -16.06 -0.62
C ASN C 20 -14.18 -15.43 0.71
N VAL C 21 -14.06 -16.27 1.73
CA VAL C 21 -13.46 -15.84 3.02
C VAL C 21 -12.15 -16.56 3.33
N LEU C 22 -12.08 -17.85 3.05
CA LEU C 22 -10.86 -18.62 3.29
C LEU C 22 -9.86 -18.46 2.17
N LEU C 23 -8.60 -18.67 2.53
CA LEU C 23 -7.47 -18.47 1.64
C LEU C 23 -7.14 -19.80 0.97
N ILE C 24 -7.70 -19.99 -0.21
CA ILE C 24 -7.56 -21.23 -0.96
C ILE C 24 -7.09 -20.83 -2.33
N ASP C 25 -6.03 -21.46 -2.81
CA ASP C 25 -5.56 -21.25 -4.18
C ASP C 25 -6.67 -21.64 -5.15
N GLY C 26 -6.96 -20.78 -6.12
CA GLY C 26 -8.05 -21.00 -7.07
C GLY C 26 -8.78 -19.71 -7.43
N PRO C 27 -9.84 -19.83 -8.26
CA PRO C 27 -10.55 -18.66 -8.77
C PRO C 27 -11.59 -18.15 -7.79
N LEU C 28 -11.75 -16.82 -7.72
CA LEU C 28 -12.69 -16.21 -6.80
C LEU C 28 -14.09 -16.26 -7.37
N SER C 29 -15.05 -16.60 -6.52
CA SER C 29 -16.48 -16.34 -6.73
C SER C 29 -16.89 -14.92 -6.30
N TRP C 30 -17.93 -14.41 -6.94
CA TRP C 30 -18.36 -13.01 -6.81
C TRP C 30 -19.86 -12.84 -6.60
N TYR C 31 -20.24 -12.04 -5.61
CA TYR C 31 -21.62 -11.59 -5.52
C TYR C 31 -21.88 -10.66 -6.69
N SER C 32 -22.92 -10.93 -7.46
CA SER C 32 -23.26 -10.16 -8.67
C SER C 32 -24.69 -9.60 -8.71
N ASP C 33 -25.42 -9.68 -7.60
CA ASP C 33 -26.80 -9.18 -7.53
C ASP C 33 -26.81 -7.71 -7.03
N PRO C 34 -27.36 -6.75 -7.83
CA PRO C 34 -27.29 -5.32 -7.46
C PRO C 34 -28.10 -4.87 -6.22
N GLY C 35 -29.00 -5.71 -5.73
CA GLY C 35 -29.60 -5.55 -4.40
C GLY C 35 -28.59 -5.68 -3.24
N LEU C 36 -27.43 -6.30 -3.49
CA LEU C 36 -26.37 -6.30 -2.50
C LEU C 36 -25.66 -4.97 -2.46
N ALA C 37 -25.22 -4.60 -1.26
CA ALA C 37 -24.49 -3.37 -1.02
C ALA C 37 -23.06 -3.54 -1.52
N GLY C 38 -22.55 -2.51 -2.18
CA GLY C 38 -21.21 -2.53 -2.78
C GLY C 38 -21.16 -3.19 -4.14
N VAL C 39 -22.30 -3.67 -4.65
CA VAL C 39 -22.36 -4.41 -5.90
C VAL C 39 -23.15 -3.60 -6.93
N SER C 40 -22.59 -3.46 -8.13
CA SER C 40 -23.32 -2.91 -9.27
C SER C 40 -22.98 -3.59 -10.60
N LEU C 41 -23.99 -3.70 -11.47
CA LEU C 41 -23.85 -4.14 -12.86
C LEU C 41 -24.77 -3.23 -13.65
N THR C 42 -24.23 -2.51 -14.63
CA THR C 42 -25.03 -1.64 -15.49
C THR C 42 -24.54 -1.68 -16.91
N GLY C 43 -25.47 -1.46 -17.85
CA GLY C 43 -25.17 -1.47 -19.28
C GLY C 43 -24.93 -2.89 -19.76
N GLY C 44 -24.05 -3.03 -20.74
CA GLY C 44 -23.67 -4.36 -21.25
C GLY C 44 -22.56 -4.98 -20.43
N LEU C 45 -22.88 -5.38 -19.20
CA LEU C 45 -21.95 -6.10 -18.31
C LEU C 45 -22.74 -7.17 -17.55
N SER C 46 -22.20 -8.37 -17.46
CA SER C 46 -22.90 -9.51 -16.83
C SER C 46 -21.94 -10.52 -16.21
N TYR C 47 -22.46 -11.37 -15.34
CA TYR C 47 -21.61 -12.30 -14.58
C TYR C 47 -22.04 -13.73 -14.85
N LYS C 48 -21.12 -14.54 -15.37
CA LYS C 48 -21.29 -15.98 -15.50
C LYS C 48 -21.01 -16.62 -14.16
N GLU C 49 -22.05 -17.13 -13.54
CA GLU C 49 -21.96 -17.78 -12.25
C GLU C 49 -21.10 -19.05 -12.33
N ASP C 50 -21.21 -19.80 -13.42
CA ASP C 50 -20.49 -21.08 -13.56
C ASP C 50 -18.97 -20.94 -13.71
N THR C 51 -18.52 -20.18 -14.70
CA THR C 51 -17.09 -19.95 -14.93
C THR C 51 -16.49 -18.85 -14.02
N LYS C 52 -17.33 -18.19 -13.21
CA LYS C 52 -16.90 -17.12 -12.28
C LYS C 52 -16.24 -15.96 -13.04
N GLU C 53 -16.88 -15.51 -14.11
CA GLU C 53 -16.29 -14.53 -15.00
C GLU C 53 -17.20 -13.35 -15.16
N LEU C 54 -16.58 -12.17 -15.25
CA LEU C 54 -17.28 -10.93 -15.57
C LEU C 54 -17.21 -10.74 -17.08
N VAL C 55 -18.36 -10.63 -17.73
CA VAL C 55 -18.45 -10.58 -19.19
C VAL C 55 -18.78 -9.19 -19.72
N VAL C 56 -17.90 -8.66 -20.54
CA VAL C 56 -18.02 -7.33 -21.09
C VAL C 56 -18.69 -7.39 -22.46
N ALA C 57 -19.75 -6.63 -22.65
CA ALA C 57 -20.51 -6.68 -23.91
C ALA C 57 -19.91 -5.76 -24.98
N LYS C 58 -19.72 -4.49 -24.65
CA LYS C 58 -19.18 -3.50 -25.61
C LYS C 58 -17.67 -3.31 -25.42
N ALA C 59 -16.92 -3.25 -26.54
CA ALA C 59 -15.45 -3.12 -26.49
C ALA C 59 -15.03 -1.69 -26.26
N GLY C 60 -13.97 -1.48 -25.48
CA GLY C 60 -13.51 -0.13 -25.16
C GLY C 60 -12.35 -0.09 -24.18
N VAL C 61 -11.99 1.11 -23.76
CA VAL C 61 -10.97 1.31 -22.72
C VAL C 61 -11.66 1.55 -21.37
N TYR C 62 -11.31 0.71 -20.40
CA TYR C 62 -11.88 0.76 -19.07
C TYR C 62 -10.76 1.04 -18.09
N TYR C 63 -11.10 1.81 -17.05
CA TYR C 63 -10.33 1.79 -15.81
C TYR C 63 -10.82 0.56 -15.00
N VAL C 64 -9.91 -0.36 -14.72
CA VAL C 64 -10.21 -1.53 -13.94
C VAL C 64 -9.39 -1.50 -12.65
N PHE C 65 -10.04 -1.75 -11.53
CA PHE C 65 -9.35 -1.79 -10.27
C PHE C 65 -9.77 -3.02 -9.44
N PHE C 66 -8.87 -3.46 -8.56
CA PHE C 66 -9.29 -4.33 -7.50
C PHE C 66 -8.65 -4.05 -6.19
N GLN C 67 -9.41 -4.39 -5.14
CA GLN C 67 -9.13 -4.06 -3.77
C GLN C 67 -8.98 -5.40 -3.10
N LEU C 68 -8.07 -5.48 -2.13
CA LEU C 68 -7.86 -6.71 -1.38
C LEU C 68 -7.59 -6.35 0.07
N GLU C 69 -8.42 -6.87 0.97
CA GLU C 69 -8.22 -6.69 2.39
C GLU C 69 -8.22 -8.02 3.17
N LEU C 70 -7.24 -8.19 4.05
CA LEU C 70 -7.10 -9.41 4.85
C LEU C 70 -7.26 -9.06 6.31
N ARG C 71 -7.71 -10.03 7.10
CA ARG C 71 -7.86 -9.85 8.54
C ARG C 71 -7.25 -11.04 9.27
N ARG C 72 -6.45 -10.78 10.31
CA ARG C 72 -5.92 -11.88 11.16
C ARG C 72 -7.07 -12.38 11.99
N VAL C 73 -7.26 -13.69 11.98
CA VAL C 73 -8.38 -14.34 12.69
C VAL C 73 -7.97 -15.33 13.80
N VAL C 74 -6.69 -15.66 13.87
CA VAL C 74 -6.13 -16.36 15.03
C VAL C 74 -5.01 -15.50 15.57
N ALA C 75 -5.08 -15.23 16.87
CA ALA C 75 -4.11 -14.36 17.53
C ALA C 75 -2.71 -14.95 17.51
N GLY C 76 -1.73 -14.05 17.39
CA GLY C 76 -0.31 -14.36 17.38
C GLY C 76 0.14 -15.42 16.41
N GLU C 77 -0.49 -15.47 15.26
CA GLU C 77 -0.27 -16.56 14.33
C GLU C 77 -0.50 -16.07 12.90
N GLY C 78 0.16 -16.74 11.97
CA GLY C 78 -0.01 -16.51 10.55
C GLY C 78 0.95 -15.47 10.03
N SER C 79 1.62 -15.82 8.93
CA SER C 79 2.46 -14.89 8.14
C SER C 79 2.37 -15.27 6.65
N GLY C 80 3.20 -14.64 5.82
CA GLY C 80 3.29 -14.99 4.39
C GLY C 80 2.75 -13.92 3.46
N SER C 81 2.16 -14.36 2.35
CA SER C 81 1.92 -13.50 1.19
C SER C 81 0.65 -13.95 0.52
N VAL C 82 -0.13 -13.00 -0.01
CA VAL C 82 -1.37 -13.33 -0.78
C VAL C 82 -1.49 -12.49 -2.04
N SER C 83 -1.86 -13.13 -3.14
CA SER C 83 -1.87 -12.46 -4.43
C SER C 83 -3.17 -12.61 -5.18
N LEU C 84 -3.57 -11.54 -5.86
CA LEU C 84 -4.67 -11.58 -6.84
C LEU C 84 -4.10 -11.36 -8.22
N ALA C 85 -4.72 -12.01 -9.18
CA ALA C 85 -4.30 -11.95 -10.57
C ALA C 85 -5.52 -11.92 -11.49
N LEU C 86 -5.68 -10.84 -12.23
CA LEU C 86 -6.76 -10.77 -13.25
C LEU C 86 -6.27 -11.43 -14.54
N HIS C 87 -7.11 -12.31 -15.09
CA HIS C 87 -6.81 -13.01 -16.34
C HIS C 87 -7.93 -12.74 -17.35
N LEU C 88 -7.56 -12.40 -18.58
CA LEU C 88 -8.54 -12.16 -19.64
C LEU C 88 -8.75 -13.41 -20.47
N GLN C 89 -9.94 -13.52 -21.05
CA GLN C 89 -10.29 -14.64 -21.92
C GLN C 89 -11.32 -14.16 -22.96
N PRO C 90 -11.08 -14.29 -24.26
CA PRO C 90 -9.86 -14.88 -24.84
C PRO C 90 -8.59 -14.07 -24.55
N LEU C 91 -7.46 -14.76 -24.60
CA LEU C 91 -6.16 -14.18 -24.27
C LEU C 91 -5.86 -13.03 -25.24
N ARG C 92 -6.06 -11.82 -24.76
CA ARG C 92 -5.83 -10.61 -25.53
C ARG C 92 -4.39 -10.39 -25.99
N SER C 93 -3.42 -10.88 -25.20
CA SER C 93 -2.04 -10.68 -25.52
C SER C 93 -1.14 -11.65 -24.83
N ALA C 94 -0.71 -12.68 -25.57
CA ALA C 94 0.22 -13.74 -25.19
C ALA C 94 -0.27 -14.78 -24.23
N ALA C 95 0.70 -15.54 -23.77
CA ALA C 95 0.65 -16.70 -22.89
C ALA C 95 0.56 -16.24 -21.44
N ALA C 98 -1.38 -11.74 -17.30
CA ALA C 98 -2.00 -11.22 -16.09
C ALA C 98 -2.22 -9.71 -16.23
N ALA C 99 -3.41 -9.31 -16.70
CA ALA C 99 -3.72 -7.91 -17.05
C ALA C 99 -3.56 -6.92 -15.88
N LEU C 100 -3.78 -7.43 -14.67
CA LEU C 100 -3.71 -6.66 -13.44
C LEU C 100 -3.27 -7.64 -12.31
N ALA C 101 -2.37 -7.21 -11.44
CA ALA C 101 -1.81 -8.13 -10.44
C ALA C 101 -1.42 -7.44 -9.14
N LEU C 102 -1.89 -7.97 -8.02
CA LEU C 102 -1.71 -7.33 -6.73
C LEU C 102 -1.24 -8.33 -5.68
N THR C 103 -0.13 -8.02 -5.02
CA THR C 103 0.33 -8.80 -3.86
C THR C 103 0.27 -7.98 -2.58
N VAL C 104 -0.21 -8.61 -1.52
CA VAL C 104 -0.26 -8.03 -0.21
C VAL C 104 0.46 -8.96 0.73
N ASP C 105 1.40 -8.39 1.49
CA ASP C 105 2.21 -9.12 2.46
C ASP C 105 1.47 -9.15 3.78
N LEU C 106 1.43 -10.33 4.39
CA LEU C 106 0.82 -10.51 5.70
C LEU C 106 1.89 -10.28 6.79
N PRO C 107 1.70 -9.28 7.67
CA PRO C 107 2.74 -9.02 8.68
C PRO C 107 2.93 -10.18 9.66
N PRO C 108 4.13 -10.27 10.29
CA PRO C 108 4.46 -11.47 11.07
C PRO C 108 3.69 -11.59 12.39
N SER C 111 4.04 -9.95 17.14
CA SER C 111 4.08 -8.54 16.74
C SER C 111 3.13 -7.70 17.59
N GLU C 112 3.11 -6.38 17.34
CA GLU C 112 2.23 -5.45 18.05
C GLU C 112 1.12 -4.88 17.14
N ALA C 113 0.03 -5.62 17.12
CA ALA C 113 -1.21 -5.30 16.45
C ALA C 113 -1.33 -4.94 14.99
N ARG C 114 -0.65 -5.63 14.10
CA ARG C 114 -0.92 -5.36 12.71
C ARG C 114 -1.79 -6.54 12.36
N ASN C 115 -3.10 -6.37 12.45
CA ASN C 115 -4.01 -7.45 12.21
C ASN C 115 -4.72 -7.42 10.88
N SER C 116 -4.41 -6.42 10.12
CA SER C 116 -5.00 -6.26 8.80
C SER C 116 -3.93 -6.01 7.75
N ALA C 117 -4.35 -6.05 6.50
CA ALA C 117 -3.47 -5.82 5.37
C ALA C 117 -4.28 -5.39 4.10
N PHE C 118 -3.90 -4.26 3.51
CA PHE C 118 -4.65 -3.67 2.40
C PHE C 118 -3.84 -3.71 1.11
N GLY C 119 -4.57 -3.81 0.00
CA GLY C 119 -4.01 -3.65 -1.32
C GLY C 119 -5.03 -2.95 -2.20
N PHE C 120 -4.53 -2.04 -3.02
CA PHE C 120 -5.30 -1.48 -4.12
C PHE C 120 -4.42 -1.36 -5.34
N GLN C 121 -4.94 -1.74 -6.50
CA GLN C 121 -4.32 -1.46 -7.78
C GLN C 121 -5.35 -1.12 -8.87
N GLY C 122 -4.98 -0.20 -9.74
CA GLY C 122 -5.83 0.23 -10.85
C GLY C 122 -5.01 0.52 -12.09
N ARG C 123 -5.57 0.19 -13.26
CA ARG C 123 -5.10 0.74 -14.53
C ARG C 123 -6.16 0.75 -15.64
N LEU C 124 -5.81 1.41 -16.75
CA LEU C 124 -6.60 1.40 -17.96
C LEU C 124 -6.29 0.13 -18.78
N LEU C 125 -7.33 -0.61 -19.14
CA LEU C 125 -7.22 -1.84 -19.95
C LEU C 125 -8.10 -1.71 -21.17
N HIS C 126 -7.59 -2.15 -22.30
CA HIS C 126 -8.39 -2.24 -23.54
C HIS C 126 -9.12 -3.58 -23.46
N LEU C 127 -10.45 -3.58 -23.55
CA LEU C 127 -11.23 -4.81 -23.46
C LEU C 127 -12.12 -5.00 -24.67
N SER C 128 -12.13 -6.22 -25.20
CA SER C 128 -12.87 -6.58 -26.42
C SER C 128 -14.31 -6.94 -26.13
N ALA C 129 -15.10 -7.08 -27.19
CA ALA C 129 -16.49 -7.51 -27.05
C ALA C 129 -16.48 -8.97 -26.62
N GLY C 130 -17.29 -9.27 -25.62
CA GLY C 130 -17.32 -10.60 -24.98
C GLY C 130 -16.13 -10.97 -24.11
N GLN C 131 -15.27 -10.00 -23.79
CA GLN C 131 -14.08 -10.26 -23.00
C GLN C 131 -14.53 -10.73 -21.63
N ARG C 132 -13.93 -11.81 -21.16
CA ARG C 132 -14.23 -12.38 -19.86
C ARG C 132 -13.07 -12.15 -18.86
N LEU C 133 -13.42 -11.57 -17.71
CA LEU C 133 -12.47 -11.21 -16.66
C LEU C 133 -12.72 -12.12 -15.47
N GLY C 134 -11.68 -12.82 -15.05
CA GLY C 134 -11.75 -13.67 -13.84
C GLY C 134 -10.53 -13.42 -12.98
N VAL C 135 -10.63 -13.76 -11.70
CA VAL C 135 -9.56 -13.42 -10.77
C VAL C 135 -9.13 -14.68 -10.06
N HIS C 136 -7.83 -14.96 -10.13
CA HIS C 136 -7.25 -16.11 -9.43
C HIS C 136 -6.61 -15.58 -8.16
N LEU C 137 -6.89 -16.23 -7.05
CA LEU C 137 -6.25 -15.92 -5.76
C LEU C 137 -5.11 -16.91 -5.55
N HIS C 138 -3.93 -16.42 -5.25
CA HIS C 138 -2.82 -17.29 -4.84
C HIS C 138 -2.36 -16.94 -3.45
N THR C 139 -2.05 -17.94 -2.64
CA THR C 139 -1.56 -17.71 -1.28
C THR C 139 -0.29 -18.47 -1.00
N GLU C 140 0.71 -17.77 -0.46
CA GLU C 140 1.91 -18.39 0.08
C GLU C 140 1.52 -18.90 1.45
N ALA C 141 1.00 -20.13 1.49
CA ALA C 141 0.49 -20.75 2.72
C ALA C 141 1.51 -20.73 3.89
N ARG C 142 1.18 -20.00 4.95
CA ARG C 142 1.91 -20.07 6.22
C ARG C 142 0.89 -19.92 7.34
N ALA C 143 0.32 -21.05 7.76
CA ALA C 143 -0.93 -21.07 8.53
C ALA C 143 -1.98 -20.18 7.83
N ARG C 144 -2.50 -20.68 6.71
CA ARG C 144 -3.57 -20.01 5.96
C ARG C 144 -4.95 -20.06 6.65
N HIS C 145 -5.07 -20.79 7.77
CA HIS C 145 -6.23 -20.70 8.67
C HIS C 145 -6.20 -19.47 9.60
N ALA C 146 -5.01 -18.92 9.84
CA ALA C 146 -4.84 -17.74 10.73
C ALA C 146 -5.24 -16.40 10.11
N TRP C 147 -5.29 -16.35 8.78
CA TRP C 147 -5.75 -15.17 8.05
C TRP C 147 -6.99 -15.51 7.23
N GLN C 148 -7.80 -14.50 6.95
CA GLN C 148 -8.94 -14.65 6.06
C GLN C 148 -9.19 -13.37 5.29
N LEU C 149 -9.86 -13.47 4.15
CA LEU C 149 -10.38 -12.27 3.43
C LEU C 149 -11.38 -11.52 4.29
N THR C 150 -11.19 -10.20 4.40
CA THR C 150 -12.18 -9.33 5.02
C THR C 150 -13.39 -9.22 4.09
N GLN C 151 -14.55 -9.53 4.64
CA GLN C 151 -15.76 -9.64 3.84
C GLN C 151 -16.25 -8.25 3.46
N GLY C 152 -16.80 -8.16 2.24
CA GLY C 152 -17.27 -6.88 1.70
C GLY C 152 -16.16 -5.89 1.37
N ALA C 153 -14.93 -6.38 1.20
CA ALA C 153 -13.75 -5.53 1.00
C ALA C 153 -12.79 -5.97 -0.10
N THR C 154 -12.91 -7.20 -0.59
CA THR C 154 -12.24 -7.66 -1.78
C THR C 154 -13.18 -7.44 -2.98
N VAL C 155 -12.83 -6.44 -3.78
CA VAL C 155 -13.73 -5.85 -4.75
C VAL C 155 -13.00 -5.83 -6.10
N LEU C 156 -13.73 -6.18 -7.15
CA LEU C 156 -13.28 -5.91 -8.51
C LEU C 156 -14.24 -4.87 -9.12
N GLY C 157 -13.68 -3.84 -9.73
CA GLY C 157 -14.49 -2.82 -10.37
C GLY C 157 -13.95 -2.35 -11.70
N LEU C 158 -14.84 -1.74 -12.46
CA LEU C 158 -14.48 -1.08 -13.70
C LEU C 158 -15.56 -0.17 -14.15
N PHE C 159 -15.14 0.85 -14.87
CA PHE C 159 -16.05 1.71 -15.59
C PHE C 159 -15.40 2.08 -16.92
N ARG C 160 -16.26 2.39 -17.90
CA ARG C 160 -15.84 2.67 -19.26
C ARG C 160 -15.38 4.10 -19.33
N VAL C 161 -14.24 4.32 -19.97
CA VAL C 161 -13.66 5.64 -20.22
C VAL C 161 -13.99 6.11 -21.64
N THR C 162 -13.82 5.25 -22.64
CA THR C 162 -14.21 5.55 -24.05
C THR C 162 -15.71 5.85 -24.19
N GLN D 3 -13.42 -15.39 -40.84
CA GLN D 3 -14.25 -14.21 -40.46
C GLN D 3 -13.39 -13.07 -39.89
N ASP D 4 -12.84 -13.29 -38.69
CA ASP D 4 -12.09 -12.26 -37.95
C ASP D 4 -10.77 -11.93 -38.66
N PRO D 5 -10.61 -10.69 -39.17
CA PRO D 5 -9.36 -10.43 -39.89
C PRO D 5 -8.09 -10.51 -39.03
N CYS D 6 -8.22 -10.22 -37.72
CA CYS D 6 -7.09 -10.33 -36.77
C CYS D 6 -6.54 -11.74 -36.64
N SER D 7 -7.40 -12.73 -36.87
CA SER D 7 -7.00 -14.13 -36.81
C SER D 7 -6.03 -14.55 -37.95
N ASN D 8 -5.82 -13.67 -38.93
CA ASN D 8 -4.84 -13.87 -40.01
C ASN D 8 -3.50 -13.12 -39.83
N CYS D 9 -3.37 -12.26 -38.82
CA CYS D 9 -2.07 -11.65 -38.46
C CYS D 9 -1.17 -12.66 -37.73
N PRO D 10 0.03 -12.92 -38.27
CA PRO D 10 0.85 -13.97 -37.72
C PRO D 10 1.63 -13.48 -36.52
N ALA D 11 2.20 -14.43 -35.78
CA ALA D 11 3.00 -14.12 -34.63
C ALA D 11 4.07 -13.22 -35.17
N GLY D 12 4.40 -12.18 -34.41
CA GLY D 12 5.40 -11.19 -34.83
C GLY D 12 4.82 -9.93 -35.43
N THR D 13 3.49 -9.94 -35.65
CA THR D 13 2.74 -8.72 -35.91
C THR D 13 1.65 -8.52 -34.85
N PHE D 14 1.10 -7.32 -34.81
CA PHE D 14 -0.18 -7.08 -34.14
C PHE D 14 -1.25 -6.65 -35.13
N CYS D 15 -2.50 -6.84 -34.73
CA CYS D 15 -3.67 -6.44 -35.50
C CYS D 15 -3.96 -5.02 -35.11
N ASP D 16 -3.64 -4.11 -36.02
CA ASP D 16 -3.66 -2.68 -35.75
C ASP D 16 -5.10 -2.14 -35.88
N ASN D 17 -5.76 -2.00 -34.73
CA ASN D 17 -7.10 -1.43 -34.65
C ASN D 17 -7.14 0.05 -35.08
N ASN D 18 -6.03 0.77 -34.87
CA ASN D 18 -5.90 2.17 -35.27
C ASN D 18 -5.91 2.39 -36.79
N ARG D 19 -5.48 1.39 -37.57
CA ARG D 19 -5.44 1.49 -39.04
C ARG D 19 -6.15 0.32 -39.75
N ASN D 20 -7.44 0.20 -39.46
CA ASN D 20 -8.37 -0.69 -40.20
C ASN D 20 -8.02 -2.18 -40.10
N GLN D 21 -7.69 -2.63 -38.89
CA GLN D 21 -7.41 -4.05 -38.57
C GLN D 21 -6.24 -4.68 -39.37
N ILE D 22 -5.33 -3.86 -39.87
CA ILE D 22 -4.22 -4.32 -40.69
C ILE D 22 -3.14 -4.95 -39.79
N CYS D 23 -2.28 -5.80 -40.37
CA CYS D 23 -1.20 -6.45 -39.60
C CYS D 23 0.12 -5.66 -39.63
N SER D 24 0.35 -4.85 -38.61
CA SER D 24 1.61 -4.12 -38.52
C SER D 24 2.67 -4.98 -37.86
N PRO D 25 3.95 -4.80 -38.25
CA PRO D 25 5.02 -5.42 -37.46
C PRO D 25 4.98 -4.97 -36.00
N CYS D 26 5.43 -5.84 -35.10
CA CYS D 26 5.58 -5.50 -33.70
C CYS D 26 6.57 -4.37 -33.68
N PRO D 27 6.36 -3.36 -32.82
CA PRO D 27 7.35 -2.28 -32.69
C PRO D 27 8.61 -2.72 -31.94
N PRO D 28 9.74 -2.01 -32.13
CA PRO D 28 11.00 -2.41 -31.46
C PRO D 28 10.85 -2.72 -29.98
N ASN D 29 11.59 -3.72 -29.52
CA ASN D 29 11.54 -4.18 -28.12
C ASN D 29 10.16 -4.70 -27.71
N SER D 30 9.53 -5.41 -28.62
CA SER D 30 8.30 -6.09 -28.33
C SER D 30 8.21 -7.34 -29.21
N PHE D 31 7.24 -8.19 -28.89
CA PHE D 31 7.10 -9.46 -29.56
C PHE D 31 5.70 -9.96 -29.43
N SER D 32 5.31 -10.88 -30.28
CA SER D 32 4.05 -11.59 -30.11
C SER D 32 4.31 -13.04 -30.46
N SER D 33 3.97 -13.94 -29.53
CA SER D 33 4.29 -15.35 -29.69
C SER D 33 3.16 -16.12 -30.38
N ALA D 34 1.97 -15.52 -30.43
CA ALA D 34 0.83 -16.11 -31.12
C ALA D 34 0.36 -15.20 -32.20
N GLY D 35 -0.34 -15.75 -33.17
CA GLY D 35 -1.11 -14.95 -34.11
C GLY D 35 -2.40 -14.47 -33.46
N GLY D 36 -2.99 -13.43 -34.03
CA GLY D 36 -4.25 -12.89 -33.56
C GLY D 36 -4.17 -11.68 -32.65
N GLN D 37 -3.03 -11.45 -32.02
CA GLN D 37 -2.92 -10.47 -30.95
C GLN D 37 -3.16 -9.07 -31.46
N ARG D 38 -3.89 -8.29 -30.63
CA ARG D 38 -4.15 -6.87 -30.84
C ARG D 38 -2.98 -5.98 -30.40
N THR D 39 -2.10 -6.52 -29.56
CA THR D 39 -0.87 -5.84 -29.15
C THR D 39 0.27 -6.81 -28.99
N CYS D 40 1.48 -6.25 -29.01
CA CYS D 40 2.72 -6.98 -28.72
C CYS D 40 3.22 -6.71 -27.28
N ASP D 41 3.71 -7.75 -26.63
CA ASP D 41 4.23 -7.66 -25.26
C ASP D 41 5.65 -7.12 -25.29
N ILE D 42 6.03 -6.38 -24.25
CA ILE D 42 7.36 -5.76 -24.16
C ILE D 42 8.42 -6.84 -24.02
N CYS D 43 9.57 -6.64 -24.64
CA CYS D 43 10.69 -7.58 -24.49
C CYS D 43 11.26 -7.52 -23.09
N ARG D 44 11.48 -8.69 -22.52
CA ARG D 44 12.15 -8.80 -21.24
C ARG D 44 13.52 -8.21 -21.34
N GLN D 45 13.87 -7.43 -20.33
CA GLN D 45 15.11 -6.71 -20.26
C GLN D 45 16.01 -7.55 -19.37
N CYS D 46 17.31 -7.57 -19.65
CA CYS D 46 18.27 -8.31 -18.81
C CYS D 46 19.40 -7.36 -18.49
N LYS D 47 19.31 -6.70 -17.33
CA LYS D 47 20.28 -5.71 -16.94
C LYS D 47 20.73 -5.87 -15.48
N GLY D 48 21.82 -5.19 -15.15
CA GLY D 48 22.37 -5.19 -13.79
C GLY D 48 23.05 -6.52 -13.47
N VAL D 49 22.46 -7.29 -12.57
CA VAL D 49 22.92 -8.66 -12.33
C VAL D 49 22.55 -9.57 -13.47
N PHE D 50 21.59 -9.18 -14.27
CA PHE D 50 21.18 -10.02 -15.37
C PHE D 50 21.93 -9.84 -16.64
N ARG D 51 22.06 -10.94 -17.33
CA ARG D 51 22.69 -10.99 -18.62
C ARG D 51 21.69 -11.60 -19.59
N THR D 52 21.95 -11.46 -20.87
CA THR D 52 21.06 -12.03 -21.85
C THR D 52 21.52 -13.40 -22.33
N ARG D 53 20.75 -14.43 -22.03
CA ARG D 53 20.97 -15.79 -22.53
C ARG D 53 20.46 -15.93 -23.98
N LYS D 54 19.23 -15.47 -24.21
CA LYS D 54 18.62 -15.49 -25.54
C LYS D 54 18.05 -14.12 -25.87
N GLU D 55 18.39 -13.64 -27.05
CA GLU D 55 17.96 -12.32 -27.53
C GLU D 55 16.45 -12.29 -27.73
N CYS D 56 15.84 -11.14 -27.50
CA CYS D 56 14.43 -10.94 -27.89
C CYS D 56 14.30 -10.96 -29.42
N SER D 57 13.36 -11.75 -29.93
CA SER D 57 12.95 -11.70 -31.33
C SER D 57 11.52 -11.12 -31.50
N SER D 58 11.08 -10.86 -32.72
CA SER D 58 9.70 -10.37 -32.92
C SER D 58 8.66 -11.40 -32.47
N THR D 59 9.09 -12.67 -32.41
CA THR D 59 8.19 -13.77 -32.16
C THR D 59 8.40 -14.44 -30.80
N SER D 60 9.49 -14.13 -30.10
CA SER D 60 9.75 -14.71 -28.77
C SER D 60 10.43 -13.71 -27.83
N ASN D 61 10.12 -13.84 -26.54
CA ASN D 61 10.65 -12.98 -25.47
C ASN D 61 12.12 -13.35 -25.21
N ALA D 62 12.90 -12.40 -24.70
CA ALA D 62 14.29 -12.67 -24.29
C ALA D 62 14.37 -13.49 -23.01
N GLU D 63 15.41 -14.31 -22.89
CA GLU D 63 15.63 -15.12 -21.70
C GLU D 63 16.82 -14.49 -21.02
N CYS D 64 16.83 -14.43 -19.69
CA CYS D 64 18.02 -13.93 -18.94
C CYS D 64 18.77 -15.04 -18.24
N ASP D 65 20.07 -14.82 -18.02
CA ASP D 65 20.90 -15.58 -17.06
C ASP D 65 21.60 -14.58 -16.12
N CYS D 66 22.47 -15.08 -15.23
CA CYS D 66 23.16 -14.24 -14.25
C CYS D 66 24.57 -13.96 -14.69
N THR D 67 25.13 -12.87 -14.18
CA THR D 67 26.55 -12.54 -14.36
C THR D 67 27.46 -13.52 -13.61
N PRO D 68 28.77 -13.56 -13.97
CA PRO D 68 29.73 -14.38 -13.22
C PRO D 68 29.71 -14.09 -11.71
N GLY D 69 29.80 -15.14 -10.90
CA GLY D 69 29.68 -15.04 -9.45
C GLY D 69 28.29 -15.36 -8.92
N PHE D 70 27.30 -15.37 -9.80
CA PHE D 70 25.92 -15.60 -9.44
C PHE D 70 25.30 -16.68 -10.31
N HIS D 71 24.19 -17.23 -9.84
CA HIS D 71 23.45 -18.25 -10.56
C HIS D 71 21.95 -18.03 -10.43
N CYS D 72 21.21 -18.53 -11.42
CA CYS D 72 19.77 -18.31 -11.49
C CYS D 72 19.01 -19.01 -10.39
N LEU D 73 17.80 -18.53 -10.18
CA LEU D 73 16.89 -19.06 -9.19
C LEU D 73 15.46 -18.70 -9.54
N GLY D 74 14.56 -19.64 -9.30
CA GLY D 74 13.16 -19.51 -9.65
C GLY D 74 12.94 -19.92 -11.10
N ALA D 75 11.66 -20.03 -11.46
CA ALA D 75 11.27 -20.34 -12.83
C ALA D 75 11.58 -19.13 -13.70
N GLY D 76 12.17 -19.38 -14.86
CA GLY D 76 12.55 -18.32 -15.80
C GLY D 76 13.63 -17.37 -15.30
N CYS D 77 14.47 -17.84 -14.38
CA CYS D 77 15.53 -17.05 -13.75
C CYS D 77 15.02 -15.73 -13.18
N SER D 78 14.11 -15.84 -12.22
CA SER D 78 13.48 -14.66 -11.61
C SER D 78 14.46 -13.84 -10.75
N MET D 79 15.40 -14.51 -10.10
CA MET D 79 16.47 -13.79 -9.38
C MET D 79 17.78 -14.54 -9.36
N CYS D 80 18.85 -13.79 -9.15
CA CYS D 80 20.20 -14.35 -9.04
C CYS D 80 20.56 -14.56 -7.58
N GLU D 81 21.50 -15.46 -7.35
CA GLU D 81 22.00 -15.73 -6.00
C GLU D 81 23.48 -15.94 -6.07
N GLN D 82 24.22 -15.38 -5.11
CA GLN D 82 25.67 -15.55 -5.00
C GLN D 82 26.04 -17.04 -4.90
N ASP D 83 27.11 -17.43 -5.61
CA ASP D 83 27.56 -18.84 -5.71
C ASP D 83 27.71 -19.48 -4.34
N CYS D 84 27.25 -20.72 -4.22
CA CYS D 84 27.20 -21.40 -2.93
C CYS D 84 28.59 -21.48 -2.30
N LYS D 85 28.67 -21.12 -1.03
CA LYS D 85 29.94 -21.04 -0.29
C LYS D 85 30.43 -22.45 0.11
N GLN D 86 31.34 -22.52 1.09
CA GLN D 86 32.05 -23.77 1.42
C GLN D 86 31.12 -24.82 2.02
N GLY D 87 30.46 -24.48 3.12
CA GLY D 87 29.58 -25.44 3.78
C GLY D 87 28.26 -25.81 3.08
N GLN D 88 27.88 -25.06 2.05
CA GLN D 88 26.53 -25.13 1.45
C GLN D 88 26.50 -25.91 0.14
N GLU D 89 25.28 -26.07 -0.40
CA GLU D 89 25.05 -26.74 -1.69
C GLU D 89 23.83 -26.15 -2.40
N LEU D 90 23.88 -26.11 -3.74
CA LEU D 90 22.80 -25.55 -4.56
C LEU D 90 21.58 -26.47 -4.68
N THR D 91 20.43 -25.96 -4.23
CA THR D 91 19.14 -26.61 -4.42
C THR D 91 18.26 -25.69 -5.29
N LYS D 92 17.08 -26.20 -5.65
CA LYS D 92 16.10 -25.44 -6.41
C LYS D 92 15.65 -24.17 -5.66
N LYS D 93 15.47 -24.27 -4.34
CA LYS D 93 15.08 -23.14 -3.50
C LYS D 93 16.26 -22.44 -2.80
N GLY D 94 17.44 -22.44 -3.41
CA GLY D 94 18.60 -21.69 -2.90
C GLY D 94 19.75 -22.52 -2.33
N CYS D 95 20.86 -21.84 -2.00
CA CYS D 95 22.01 -22.50 -1.38
C CYS D 95 21.69 -22.82 0.07
N LYS D 96 21.31 -24.07 0.34
CA LYS D 96 21.13 -24.55 1.73
C LYS D 96 22.42 -25.19 2.28
N ASP D 97 22.53 -25.22 3.61
CA ASP D 97 23.63 -25.95 4.31
C ASP D 97 23.61 -27.44 3.98
N CYS D 98 24.80 -28.05 3.93
CA CYS D 98 24.92 -29.52 3.85
C CYS D 98 24.28 -30.12 5.10
N CYS D 99 23.57 -31.24 4.92
CA CYS D 99 22.89 -31.90 6.04
C CYS D 99 23.87 -32.60 6.99
N PHE D 100 23.38 -33.06 8.13
CA PHE D 100 24.23 -33.80 9.07
C PHE D 100 24.68 -35.13 8.44
N GLY D 101 25.97 -35.44 8.62
CA GLY D 101 26.59 -36.61 7.99
C GLY D 101 27.32 -36.33 6.69
N THR D 102 27.19 -35.11 6.16
CA THR D 102 27.72 -34.76 4.85
C THR D 102 28.54 -33.47 4.93
N PHE D 103 29.37 -33.25 3.90
CA PHE D 103 30.25 -32.09 3.82
C PHE D 103 30.41 -31.63 2.36
N ASN D 104 30.81 -30.37 2.20
CA ASN D 104 31.24 -29.84 0.89
C ASN D 104 32.49 -29.00 1.12
N ASP D 105 33.57 -29.31 0.40
CA ASP D 105 34.87 -28.69 0.64
C ASP D 105 35.11 -27.44 -0.21
N GLN D 106 34.69 -27.49 -1.48
CA GLN D 106 34.92 -26.40 -2.42
C GLN D 106 33.71 -25.47 -2.49
N LYS D 107 33.94 -24.28 -3.03
CA LYS D 107 32.86 -23.37 -3.43
C LYS D 107 32.18 -23.93 -4.69
N ARG D 108 30.90 -23.59 -4.86
CA ARG D 108 30.06 -24.10 -5.95
C ARG D 108 30.03 -25.65 -6.04
N GLY D 109 30.13 -26.30 -4.88
CA GLY D 109 30.28 -27.76 -4.81
C GLY D 109 29.02 -28.48 -4.38
N ILE D 110 29.13 -29.81 -4.28
CA ILE D 110 28.00 -30.69 -3.93
C ILE D 110 28.39 -31.54 -2.72
N CYS D 111 27.45 -31.74 -1.79
CA CYS D 111 27.71 -32.48 -0.55
C CYS D 111 27.89 -33.98 -0.77
N ARG D 112 29.03 -34.52 -0.32
CA ARG D 112 29.28 -35.97 -0.27
C ARG D 112 29.23 -36.44 1.18
N PRO D 113 28.88 -37.72 1.43
CA PRO D 113 28.81 -38.21 2.81
C PRO D 113 30.19 -38.42 3.45
N TRP D 114 30.29 -38.16 4.75
CA TRP D 114 31.52 -38.35 5.54
C TRP D 114 32.05 -39.76 5.43
N THR D 115 33.36 -39.89 5.29
CA THR D 115 33.99 -41.20 5.26
C THR D 115 33.93 -41.82 6.67
N ASN D 116 33.67 -43.12 6.74
CA ASN D 116 33.50 -43.85 8.01
C ASN D 116 34.83 -44.44 8.50
N CYS D 117 35.27 -44.04 9.68
CA CYS D 117 36.52 -44.54 10.25
C CYS D 117 36.33 -45.81 11.07
N SER D 118 35.14 -45.99 11.65
CA SER D 118 34.85 -47.11 12.55
C SER D 118 34.55 -48.39 11.78
N LEU D 119 33.88 -48.26 10.64
CA LEU D 119 33.56 -49.40 9.76
C LEU D 119 34.77 -49.83 8.97
N ASP D 120 35.68 -48.88 8.72
CA ASP D 120 36.98 -49.17 8.09
C ASP D 120 38.08 -49.61 9.09
N GLY D 121 37.75 -49.71 10.37
CA GLY D 121 38.68 -50.22 11.38
C GLY D 121 39.80 -49.28 11.82
N LYS D 122 39.58 -47.97 11.70
CA LYS D 122 40.57 -46.94 12.10
C LYS D 122 39.97 -45.96 13.11
N SER D 123 40.74 -44.94 13.40
CA SER D 123 40.37 -43.90 14.34
C SER D 123 39.96 -42.58 13.68
N VAL D 124 39.28 -41.76 14.46
CA VAL D 124 38.80 -40.45 14.04
C VAL D 124 39.72 -39.36 14.53
N ASN D 127 37.33 -34.92 13.28
CA ASN D 127 35.88 -34.96 13.27
C ASN D 127 35.32 -34.15 12.13
N GLY D 128 34.33 -34.72 11.46
CA GLY D 128 33.71 -34.11 10.31
C GLY D 128 32.88 -32.90 10.63
N THR D 129 32.86 -31.98 9.69
CA THR D 129 32.07 -30.78 9.83
C THR D 129 31.31 -30.55 8.56
N LYS D 130 30.56 -29.48 8.51
CA LYS D 130 29.79 -29.13 7.31
C LYS D 130 30.69 -28.77 6.11
N GLU D 131 31.88 -28.23 6.41
CA GLU D 131 32.87 -27.85 5.39
C GLU D 131 33.91 -28.93 5.07
N ARG D 132 34.17 -29.86 6.00
CA ARG D 132 35.38 -30.71 5.95
C ARG D 132 35.08 -32.18 6.21
N ASP D 133 35.71 -33.07 5.42
CA ASP D 133 35.57 -34.52 5.59
C ASP D 133 36.21 -34.96 6.92
N VAL D 134 35.91 -36.16 7.34
CA VAL D 134 36.38 -36.65 8.62
C VAL D 134 37.87 -36.91 8.78
N VAL D 135 38.42 -36.46 9.91
CA VAL D 135 39.82 -36.59 10.25
C VAL D 135 40.19 -38.02 10.64
N CYS D 136 40.28 -38.91 9.66
CA CYS D 136 40.59 -40.30 9.94
C CYS D 136 42.00 -40.46 10.47
N ASP E 4 -40.73 9.57 1.30
CA ASP E 4 -40.44 8.75 0.08
C ASP E 4 -41.08 7.36 0.17
N PRO E 5 -41.33 6.71 -0.98
CA PRO E 5 -41.87 5.33 -0.95
C PRO E 5 -40.93 4.29 -0.33
N CYS E 6 -39.61 4.53 -0.38
CA CYS E 6 -38.62 3.67 0.28
C CYS E 6 -38.76 3.57 1.79
N SER E 7 -39.29 4.62 2.40
CA SER E 7 -39.53 4.66 3.85
C SER E 7 -40.63 3.69 4.31
N ASN E 8 -41.36 3.07 3.38
CA ASN E 8 -42.36 2.04 3.68
C ASN E 8 -41.87 0.60 3.45
N CYS E 9 -40.68 0.41 2.88
CA CYS E 9 -40.09 -0.93 2.77
C CYS E 9 -39.54 -1.38 4.13
N PRO E 10 -40.04 -2.53 4.64
CA PRO E 10 -39.66 -2.92 5.99
C PRO E 10 -38.29 -3.59 6.01
N ALA E 11 -37.75 -3.74 7.22
CA ALA E 11 -36.48 -4.43 7.41
C ALA E 11 -36.67 -5.79 6.82
N GLY E 12 -35.65 -6.28 6.10
CA GLY E 12 -35.72 -7.56 5.39
C GLY E 12 -36.05 -7.47 3.92
N THR E 13 -36.41 -6.28 3.46
CA THR E 13 -36.48 -5.94 2.03
C THR E 13 -35.52 -4.79 1.72
N PHE E 14 -35.27 -4.60 0.44
CA PHE E 14 -34.67 -3.36 -0.05
C PHE E 14 -35.63 -2.63 -1.00
N CYS E 15 -35.39 -1.33 -1.13
CA CYS E 15 -36.16 -0.46 -2.02
C CYS E 15 -35.49 -0.52 -3.38
N ASP E 16 -36.13 -1.25 -4.29
CA ASP E 16 -35.53 -1.61 -5.57
C ASP E 16 -35.67 -0.44 -6.54
N ASN E 17 -34.60 0.35 -6.64
CA ASN E 17 -34.51 1.48 -7.58
C ASN E 17 -34.59 1.01 -9.05
N ASN E 18 -34.11 -0.20 -9.33
CA ASN E 18 -34.17 -0.80 -10.67
C ASN E 18 -35.59 -1.10 -11.17
N ARG E 19 -36.53 -1.36 -10.25
CA ARG E 19 -37.93 -1.67 -10.61
C ARG E 19 -38.97 -0.77 -9.90
N ASN E 20 -38.84 0.53 -10.13
CA ASN E 20 -39.84 1.56 -9.74
C ASN E 20 -40.07 1.70 -8.22
N GLN E 21 -38.97 1.70 -7.46
CA GLN E 21 -38.96 1.89 -5.99
C GLN E 21 -39.80 0.85 -5.20
N ILE E 22 -40.00 -0.33 -5.78
CA ILE E 22 -40.78 -1.39 -5.14
C ILE E 22 -39.93 -2.07 -4.05
N CYS E 23 -40.59 -2.75 -3.10
CA CYS E 23 -39.89 -3.46 -2.01
C CYS E 23 -39.62 -4.94 -2.32
N SER E 24 -38.43 -5.23 -2.82
CA SER E 24 -38.06 -6.62 -3.10
C SER E 24 -37.50 -7.28 -1.83
N PRO E 25 -37.68 -8.61 -1.70
CA PRO E 25 -36.99 -9.30 -0.61
C PRO E 25 -35.48 -9.15 -0.74
N CYS E 26 -34.79 -9.18 0.40
CA CYS E 26 -33.33 -9.18 0.40
C CYS E 26 -32.93 -10.44 -0.34
N PRO E 27 -31.92 -10.38 -1.21
CA PRO E 27 -31.43 -11.62 -1.85
C PRO E 27 -30.70 -12.57 -0.89
N PRO E 28 -30.59 -13.86 -1.25
CA PRO E 28 -29.93 -14.84 -0.36
C PRO E 28 -28.59 -14.35 0.17
N ASN E 29 -28.29 -14.71 1.41
CA ASN E 29 -27.04 -14.30 2.10
C ASN E 29 -26.89 -12.77 2.27
N SER E 30 -28.02 -12.11 2.53
CA SER E 30 -28.02 -10.72 2.80
C SER E 30 -29.16 -10.42 3.74
N PHE E 31 -29.16 -9.20 4.27
CA PHE E 31 -30.10 -8.82 5.30
C PHE E 31 -30.23 -7.31 5.32
N SER E 32 -31.31 -6.81 5.91
CA SER E 32 -31.43 -5.39 6.22
C SER E 32 -32.08 -5.31 7.58
N SER E 33 -31.44 -4.60 8.50
CA SER E 33 -31.87 -4.50 9.89
C SER E 33 -32.84 -3.32 10.10
N ALA E 34 -32.86 -2.37 9.15
CA ALA E 34 -33.74 -1.22 9.23
C ALA E 34 -34.60 -1.22 8.01
N GLY E 35 -35.75 -0.56 8.12
CA GLY E 35 -36.56 -0.25 6.96
C GLY E 35 -35.93 0.93 6.25
N GLY E 36 -36.30 1.12 4.98
CA GLY E 36 -35.85 2.25 4.17
C GLY E 36 -34.67 1.99 3.24
N GLN E 37 -33.89 0.94 3.51
CA GLN E 37 -32.61 0.75 2.83
C GLN E 37 -32.80 0.47 1.35
N ARG E 38 -31.91 1.08 0.56
CA ARG E 38 -31.81 0.87 -0.91
C ARG E 38 -31.04 -0.40 -1.27
N THR E 39 -30.29 -0.96 -0.33
CA THR E 39 -29.63 -2.27 -0.48
C THR E 39 -29.61 -3.06 0.81
N CYS E 40 -29.35 -4.36 0.68
CA CYS E 40 -29.12 -5.26 1.82
C CYS E 40 -27.62 -5.55 1.97
N ASP E 41 -27.16 -5.59 3.22
CA ASP E 41 -25.75 -5.88 3.55
C ASP E 41 -25.53 -7.38 3.51
N ILE E 42 -24.32 -7.80 3.14
CA ILE E 42 -23.97 -9.24 3.00
C ILE E 42 -24.01 -9.90 4.38
N CYS E 43 -24.45 -11.16 4.43
CA CYS E 43 -24.42 -11.92 5.68
C CYS E 43 -22.99 -12.24 6.06
N ARG E 44 -22.66 -12.02 7.33
CA ARG E 44 -21.39 -12.41 7.87
C ARG E 44 -21.24 -13.90 7.72
N GLN E 45 -20.04 -14.29 7.33
CA GLN E 45 -19.69 -15.67 7.06
C GLN E 45 -18.95 -16.12 8.31
N CYS E 46 -19.08 -17.39 8.67
CA CYS E 46 -18.34 -17.96 9.82
C CYS E 46 -17.69 -19.24 9.35
N LYS E 47 -16.44 -19.14 8.95
CA LYS E 47 -15.72 -20.29 8.40
C LYS E 47 -14.31 -20.43 8.94
N GLY E 48 -13.73 -21.61 8.72
CA GLY E 48 -12.36 -21.91 9.17
C GLY E 48 -12.28 -22.11 10.68
N VAL E 49 -11.65 -21.18 11.39
CA VAL E 49 -11.70 -21.20 12.85
C VAL E 49 -13.06 -20.77 13.37
N PHE E 50 -13.79 -19.99 12.57
CA PHE E 50 -15.11 -19.54 13.00
C PHE E 50 -16.16 -20.60 12.80
N ARG E 51 -17.20 -20.45 13.60
CA ARG E 51 -18.37 -21.29 13.65
C ARG E 51 -19.58 -20.39 13.77
N THR E 52 -20.76 -20.87 13.45
CA THR E 52 -21.96 -20.05 13.57
C THR E 52 -22.60 -20.18 14.96
N ARG E 53 -22.60 -19.08 15.71
CA ARG E 53 -23.40 -18.97 16.93
C ARG E 53 -24.88 -18.67 16.59
N LYS E 54 -25.12 -17.66 15.77
CA LYS E 54 -26.47 -17.29 15.33
C LYS E 54 -26.53 -17.21 13.82
N GLU E 55 -27.53 -17.87 13.26
CA GLU E 55 -27.73 -17.91 11.81
C GLU E 55 -28.05 -16.53 11.26
N CYS E 56 -27.61 -16.24 10.04
CA CYS E 56 -28.11 -15.04 9.34
C CYS E 56 -29.61 -15.16 9.04
N SER E 57 -30.37 -14.12 9.37
CA SER E 57 -31.76 -13.99 8.93
C SER E 57 -31.93 -12.81 7.92
N SER E 58 -33.11 -12.68 7.29
CA SER E 58 -33.33 -11.56 6.36
C SER E 58 -33.24 -10.20 7.06
N THR E 59 -33.40 -10.23 8.38
CA THR E 59 -33.49 -9.03 9.18
C THR E 59 -32.30 -8.82 10.12
N SER E 60 -31.45 -9.83 10.32
CA SER E 60 -30.26 -9.69 11.19
C SER E 60 -29.05 -10.48 10.68
N ASN E 61 -27.88 -9.91 10.92
CA ASN E 61 -26.59 -10.48 10.48
C ASN E 61 -26.24 -11.73 11.36
N ALA E 62 -25.48 -12.67 10.80
CA ALA E 62 -25.03 -13.83 11.58
C ALA E 62 -23.96 -13.43 12.60
N GLU E 63 -23.92 -14.17 13.70
CA GLU E 63 -22.95 -13.96 14.77
C GLU E 63 -22.06 -15.16 14.75
N CYS E 64 -20.75 -14.98 14.94
CA CYS E 64 -19.80 -16.12 14.98
C CYS E 64 -19.28 -16.42 16.38
N ASP E 65 -18.91 -17.67 16.61
CA ASP E 65 -18.08 -18.07 17.76
C ASP E 65 -16.86 -18.87 17.25
N CYS E 66 -16.05 -19.39 18.15
CA CYS E 66 -14.85 -20.13 17.76
C CYS E 66 -15.07 -21.61 17.88
N THR E 67 -14.26 -22.38 17.13
CA THR E 67 -14.23 -23.83 17.24
C THR E 67 -13.66 -24.27 18.58
N PRO E 68 -13.88 -25.56 18.96
CA PRO E 68 -13.26 -26.11 20.17
C PRO E 68 -11.73 -25.93 20.18
N GLY E 69 -11.19 -25.60 21.34
CA GLY E 69 -9.77 -25.28 21.48
C GLY E 69 -9.46 -23.80 21.45
N PHE E 70 -10.40 -22.99 20.98
CA PHE E 70 -10.21 -21.56 20.81
C PHE E 70 -11.36 -20.80 21.43
N HIS E 71 -11.13 -19.53 21.70
CA HIS E 71 -12.15 -18.64 22.29
C HIS E 71 -12.12 -17.25 21.66
N CYS E 72 -13.26 -16.58 21.66
CA CYS E 72 -13.44 -15.31 20.98
C CYS E 72 -12.62 -14.21 21.58
N LEU E 73 -12.42 -13.18 20.78
CA LEU E 73 -11.65 -12.02 21.19
C LEU E 73 -12.03 -10.81 20.35
N GLY E 74 -12.13 -9.66 21.00
CA GLY E 74 -12.58 -8.44 20.39
C GLY E 74 -14.08 -8.32 20.45
N ALA E 75 -14.58 -7.15 20.06
CA ALA E 75 -16.01 -6.91 19.94
C ALA E 75 -16.57 -7.65 18.73
N GLY E 76 -17.69 -8.34 18.94
CA GLY E 76 -18.31 -9.16 17.90
C GLY E 76 -17.49 -10.36 17.44
N CYS E 77 -16.63 -10.90 18.34
CA CYS E 77 -15.74 -12.03 18.06
C CYS E 77 -14.91 -11.85 16.80
N SER E 78 -14.09 -10.80 16.80
CA SER E 78 -13.28 -10.45 15.61
C SER E 78 -12.18 -11.46 15.32
N MET E 79 -11.61 -12.05 16.36
CA MET E 79 -10.66 -13.15 16.17
C MET E 79 -10.70 -14.19 17.28
N CYS E 80 -10.21 -15.37 16.97
CA CYS E 80 -10.10 -16.45 17.93
C CYS E 80 -8.71 -16.48 18.52
N GLU E 81 -8.59 -17.08 19.69
CA GLU E 81 -7.29 -17.25 20.35
C GLU E 81 -7.27 -18.60 21.01
N GLN E 82 -6.14 -19.29 20.89
CA GLN E 82 -5.94 -20.60 21.53
C GLN E 82 -6.18 -20.53 23.04
N ASP E 83 -6.84 -21.55 23.60
CA ASP E 83 -7.21 -21.59 25.03
C ASP E 83 -6.02 -21.33 25.95
N CYS E 84 -6.23 -20.52 26.99
CA CYS E 84 -5.14 -20.07 27.85
C CYS E 84 -4.44 -21.23 28.51
N LYS E 85 -3.10 -21.20 28.43
CA LYS E 85 -2.26 -22.30 28.90
C LYS E 85 -2.19 -22.34 30.43
N GLN E 86 -1.15 -22.99 30.97
CA GLN E 86 -1.05 -23.26 32.41
C GLN E 86 -0.78 -21.97 33.20
N GLY E 87 0.30 -21.27 32.90
CA GLY E 87 0.64 -20.05 33.65
C GLY E 87 -0.25 -18.83 33.47
N GLN E 88 -1.09 -18.83 32.42
CA GLN E 88 -1.82 -17.64 31.94
C GLN E 88 -3.29 -17.57 32.44
N GLU E 89 -3.96 -16.46 32.10
CA GLU E 89 -5.38 -16.27 32.39
C GLU E 89 -6.05 -15.39 31.32
N LEU E 90 -7.33 -15.68 31.04
CA LEU E 90 -8.10 -14.96 30.02
C LEU E 90 -8.52 -13.58 30.47
N THR E 91 -8.09 -12.57 29.73
CA THR E 91 -8.55 -11.19 29.87
C THR E 91 -9.28 -10.76 28.58
N LYS E 92 -9.87 -9.56 28.62
CA LYS E 92 -10.51 -8.96 27.44
C LYS E 92 -9.52 -8.81 26.27
N LYS E 93 -8.29 -8.40 26.56
CA LYS E 93 -7.26 -8.20 25.54
C LYS E 93 -6.30 -9.39 25.38
N GLY E 94 -6.78 -10.61 25.65
CA GLY E 94 -5.99 -11.85 25.41
C GLY E 94 -5.52 -12.60 26.65
N CYS E 95 -4.94 -13.78 26.43
CA CYS E 95 -4.38 -14.57 27.54
C CYS E 95 -3.08 -13.95 28.01
N LYS E 96 -3.14 -13.18 29.09
CA LYS E 96 -1.94 -12.65 29.75
C LYS E 96 -1.46 -13.58 30.88
N ASP E 97 -0.16 -13.49 31.20
CA ASP E 97 0.45 -14.20 32.35
C ASP E 97 -0.23 -13.84 33.67
N CYS E 98 -0.28 -14.79 34.59
CA CYS E 98 -0.67 -14.49 35.98
C CYS E 98 0.33 -13.50 36.59
N CYS E 99 -0.20 -12.57 37.36
CA CYS E 99 0.57 -11.56 38.03
C CYS E 99 1.35 -12.14 39.19
N PHE E 100 2.43 -11.47 39.59
CA PHE E 100 3.27 -11.96 40.66
C PHE E 100 2.47 -12.12 41.93
N GLY E 101 2.65 -13.24 42.61
CA GLY E 101 1.95 -13.55 43.83
C GLY E 101 0.74 -14.40 43.59
N THR E 102 0.49 -14.65 42.33
CA THR E 102 -0.66 -15.45 41.91
C THR E 102 -0.20 -16.57 40.97
N PHE E 103 -1.06 -17.58 40.86
CA PHE E 103 -0.79 -18.77 40.06
C PHE E 103 -2.09 -19.28 39.39
N ASN E 104 -1.93 -20.06 38.33
CA ASN E 104 -3.02 -20.82 37.72
C ASN E 104 -2.48 -22.20 37.38
N ASP E 105 -3.14 -23.25 37.87
CA ASP E 105 -2.62 -24.63 37.74
C ASP E 105 -3.16 -25.37 36.50
N GLN E 106 -4.43 -25.14 36.17
CA GLN E 106 -5.07 -25.82 35.04
C GLN E 106 -5.05 -24.96 33.78
N LYS E 107 -5.28 -25.61 32.65
CA LYS E 107 -5.56 -24.93 31.39
C LYS E 107 -6.95 -24.31 31.46
N ARG E 108 -7.17 -23.24 30.70
CA ARG E 108 -8.43 -22.46 30.69
C ARG E 108 -8.87 -22.00 32.09
N GLY E 109 -7.89 -21.71 32.95
CA GLY E 109 -8.14 -21.42 34.36
C GLY E 109 -8.00 -19.95 34.73
N ILE E 110 -8.21 -19.67 36.01
CA ILE E 110 -8.19 -18.31 36.55
C ILE E 110 -7.17 -18.24 37.69
N CYS E 111 -6.42 -17.14 37.77
CA CYS E 111 -5.36 -16.96 38.76
C CYS E 111 -5.90 -16.75 40.18
N ARG E 112 -5.47 -17.58 41.12
CA ARG E 112 -5.74 -17.40 42.56
C ARG E 112 -4.46 -16.97 43.26
N PRO E 113 -4.57 -16.27 44.41
CA PRO E 113 -3.34 -15.84 45.10
C PRO E 113 -2.63 -16.95 45.86
N TRP E 114 -1.30 -16.90 45.89
CA TRP E 114 -0.45 -17.89 46.59
C TRP E 114 -0.87 -18.01 48.04
N THR E 115 -0.89 -19.22 48.55
CA THR E 115 -1.15 -19.46 49.96
C THR E 115 0.07 -18.98 50.77
N ASN E 116 -0.18 -18.36 51.93
CA ASN E 116 0.85 -17.78 52.79
C ASN E 116 1.31 -18.80 53.85
N CYS E 117 2.60 -19.11 53.86
CA CYS E 117 3.15 -20.06 54.83
C CYS E 117 3.68 -19.38 56.09
N LEU E 119 2.43 -16.39 57.54
CA LEU E 119 1.27 -15.94 58.31
C LEU E 119 0.54 -17.11 58.95
N ASP E 120 0.60 -18.28 58.31
CA ASP E 120 0.04 -19.53 58.85
C ASP E 120 1.00 -20.28 59.80
N GLY E 121 2.19 -19.73 60.04
CA GLY E 121 3.14 -20.31 60.99
C GLY E 121 3.87 -21.57 60.56
N LYS E 122 4.04 -21.74 59.24
CA LYS E 122 4.75 -22.90 58.65
C LYS E 122 5.90 -22.46 57.73
N SER E 123 6.68 -23.43 57.25
CA SER E 123 7.86 -23.17 56.43
C SER E 123 7.56 -23.38 54.94
N VAL E 124 8.32 -22.68 54.08
CA VAL E 124 8.12 -22.82 52.64
C VAL E 124 8.84 -24.04 52.16
N LEU E 125 8.10 -25.12 51.97
CA LEU E 125 8.72 -26.32 51.50
C LEU E 125 9.06 -26.13 50.04
N VAL E 126 8.16 -25.49 49.30
CA VAL E 126 8.40 -25.26 47.89
C VAL E 126 7.82 -23.95 47.48
N ASN E 127 8.64 -23.18 46.79
CA ASN E 127 8.28 -21.85 46.35
C ASN E 127 7.15 -21.78 45.34
N GLY E 128 6.52 -20.63 45.29
CA GLY E 128 5.40 -20.38 44.40
C GLY E 128 5.85 -19.84 43.05
N THR E 129 5.20 -20.31 41.98
CA THR E 129 5.53 -19.89 40.61
C THR E 129 4.23 -19.44 39.90
N LYS E 130 4.36 -19.07 38.63
CA LYS E 130 3.21 -18.63 37.83
C LYS E 130 2.22 -19.78 37.55
N GLU E 131 2.75 -21.00 37.46
CA GLU E 131 1.94 -22.21 37.23
C GLU E 131 1.48 -22.92 38.52
N ARG E 132 2.18 -22.75 39.63
CA ARG E 132 2.06 -23.65 40.78
C ARG E 132 1.92 -22.89 42.10
N ASP E 133 1.03 -23.37 42.97
CA ASP E 133 0.84 -22.80 44.32
C ASP E 133 2.09 -23.06 45.18
N VAL E 134 2.23 -22.29 46.26
CA VAL E 134 3.33 -22.51 47.22
C VAL E 134 3.08 -23.86 47.93
N VAL E 135 4.16 -24.56 48.31
CA VAL E 135 4.05 -25.83 49.03
C VAL E 135 4.54 -25.79 50.48
N CYS E 136 3.64 -26.21 51.37
CA CYS E 136 3.83 -26.24 52.82
C CYS E 136 3.09 -27.41 53.46
N ASP F 4 -0.37 35.82 -21.56
CA ASP F 4 -1.73 35.58 -20.96
C ASP F 4 -2.03 36.59 -19.84
N PRO F 5 -3.32 36.84 -19.55
CA PRO F 5 -3.65 37.77 -18.45
C PRO F 5 -3.18 37.28 -17.08
N CYS F 6 -3.08 35.97 -16.89
CA CYS F 6 -2.56 35.38 -15.64
C CYS F 6 -1.14 35.80 -15.31
N SER F 7 -0.34 36.09 -16.33
CA SER F 7 1.04 36.54 -16.17
C SER F 7 1.17 37.94 -15.53
N ASN F 8 0.05 38.64 -15.37
CA ASN F 8 0.00 39.93 -14.67
C ASN F 8 -0.53 39.85 -13.21
N CYS F 9 -1.00 38.69 -12.76
CA CYS F 9 -1.35 38.49 -11.35
C CYS F 9 -0.09 38.33 -10.50
N PRO F 10 0.12 39.20 -9.50
CA PRO F 10 1.36 39.17 -8.74
C PRO F 10 1.36 38.09 -7.68
N ALA F 11 2.55 37.83 -7.12
CA ALA F 11 2.70 36.86 -6.05
C ALA F 11 1.81 37.34 -4.95
N GLY F 12 1.09 36.41 -4.31
CA GLY F 12 0.09 36.75 -3.29
C GLY F 12 -1.35 36.75 -3.78
N THR F 13 -1.55 36.67 -5.10
CA THR F 13 -2.86 36.39 -5.69
C THR F 13 -2.81 35.10 -6.52
N PHE F 14 -3.99 34.61 -6.86
CA PHE F 14 -4.11 33.63 -7.91
C PHE F 14 -4.92 34.17 -9.08
N CYS F 15 -4.73 33.54 -10.23
CA CYS F 15 -5.47 33.86 -11.46
C CYS F 15 -6.77 33.04 -11.45
N ASP F 16 -7.87 33.71 -11.15
CA ASP F 16 -9.13 33.03 -10.88
C ASP F 16 -9.82 32.67 -12.20
N ASN F 17 -9.64 31.42 -12.61
CA ASN F 17 -10.28 30.88 -13.82
C ASN F 17 -11.83 30.84 -13.69
N ASN F 18 -12.33 30.69 -12.46
CA ASN F 18 -13.77 30.70 -12.17
C ASN F 18 -14.46 32.04 -12.45
N ARG F 19 -13.72 33.15 -12.33
CA ARG F 19 -14.28 34.49 -12.57
C ARG F 19 -13.46 35.32 -13.58
N ASN F 20 -13.38 34.79 -14.79
CA ASN F 20 -12.84 35.50 -15.97
C ASN F 20 -11.37 35.93 -15.88
N GLN F 21 -10.54 35.01 -15.38
CA GLN F 21 -9.07 35.18 -15.28
C GLN F 21 -8.61 36.38 -14.42
N ILE F 22 -9.46 36.82 -13.51
CA ILE F 22 -9.17 37.98 -12.65
C ILE F 22 -8.17 37.56 -11.55
N CYS F 23 -7.49 38.54 -10.94
CA CYS F 23 -6.54 38.26 -9.86
C CYS F 23 -7.19 38.38 -8.47
N SER F 24 -7.58 37.24 -7.89
CA SER F 24 -8.13 37.25 -6.53
C SER F 24 -7.00 37.13 -5.49
N PRO F 25 -7.19 37.74 -4.31
CA PRO F 25 -6.22 37.46 -3.25
C PRO F 25 -6.17 35.97 -2.96
N CYS F 26 -5.01 35.50 -2.48
CA CYS F 26 -4.89 34.12 -1.99
C CYS F 26 -5.86 33.99 -0.85
N PRO F 27 -6.58 32.86 -0.74
CA PRO F 27 -7.44 32.67 0.44
C PRO F 27 -6.65 32.40 1.76
N PRO F 28 -7.30 32.61 2.93
CA PRO F 28 -6.63 32.40 4.21
C PRO F 28 -5.88 31.07 4.30
N ASN F 29 -4.72 31.09 4.94
CA ASN F 29 -3.85 29.92 5.07
C ASN F 29 -3.34 29.37 3.73
N SER F 30 -3.03 30.30 2.84
CA SER F 30 -2.42 29.96 1.58
C SER F 30 -1.56 31.11 1.11
N PHE F 31 -0.75 30.83 0.09
CA PHE F 31 0.24 31.78 -0.37
C PHE F 31 0.61 31.45 -1.81
N SER F 32 1.15 32.43 -2.52
CA SER F 32 1.79 32.16 -3.82
C SER F 32 3.07 32.94 -3.84
N SER F 33 4.18 32.28 -4.14
CA SER F 33 5.51 32.90 -4.09
C SER F 33 5.92 33.50 -5.43
N ALA F 34 5.22 33.12 -6.50
CA ALA F 34 5.47 33.65 -7.83
C ALA F 34 4.21 34.27 -8.32
N GLY F 35 4.35 35.15 -9.30
CA GLY F 35 3.22 35.65 -10.07
C GLY F 35 2.86 34.63 -11.14
N GLY F 36 1.62 34.70 -11.63
CA GLY F 36 1.14 33.81 -12.68
C GLY F 36 0.31 32.62 -12.23
N GLN F 37 0.39 32.25 -10.96
CA GLN F 37 -0.18 30.98 -10.50
C GLN F 37 -1.71 30.97 -10.61
N ARG F 38 -2.25 29.83 -11.03
CA ARG F 38 -3.69 29.59 -11.08
C ARG F 38 -4.29 29.20 -9.72
N THR F 39 -3.43 28.79 -8.79
CA THR F 39 -3.83 28.49 -7.40
C THR F 39 -2.74 28.87 -6.41
N CYS F 40 -3.14 29.02 -5.16
CA CYS F 40 -2.22 29.24 -4.04
C CYS F 40 -2.00 27.94 -3.26
N ASP F 41 -0.76 27.72 -2.84
CA ASP F 41 -0.36 26.55 -2.06
C ASP F 41 -0.75 26.76 -0.60
N ILE F 42 -1.07 25.67 0.10
CA ILE F 42 -1.51 25.72 1.53
C ILE F 42 -0.33 26.17 2.41
N CYS F 43 -0.62 26.96 3.44
CA CYS F 43 0.44 27.35 4.39
C CYS F 43 0.85 26.16 5.21
N ARG F 44 2.16 25.99 5.35
CA ARG F 44 2.74 24.99 6.21
C ARG F 44 2.29 25.24 7.62
N GLN F 45 1.90 24.18 8.27
CA GLN F 45 1.35 24.21 9.62
C GLN F 45 2.53 23.86 10.53
N CYS F 46 2.57 24.40 11.73
CA CYS F 46 3.61 24.03 12.70
C CYS F 46 2.92 23.72 14.01
N LYS F 47 2.66 22.45 14.26
CA LYS F 47 1.94 22.03 15.46
C LYS F 47 2.61 20.83 16.12
N GLY F 48 2.18 20.55 17.36
CA GLY F 48 2.66 19.43 18.16
C GLY F 48 4.08 19.67 18.66
N VAL F 49 5.04 18.95 18.10
CA VAL F 49 6.43 19.17 18.37
C VAL F 49 6.88 20.43 17.68
N PHE F 50 6.20 20.81 16.63
CA PHE F 50 6.57 21.99 15.90
C PHE F 50 6.07 23.30 16.46
N ARG F 51 6.82 24.34 16.18
CA ARG F 51 6.55 25.70 16.60
C ARG F 51 6.80 26.61 15.40
N THR F 52 6.24 27.82 15.38
CA THR F 52 6.46 28.66 14.23
C THR F 52 7.66 29.59 14.27
N ARG F 53 8.68 29.31 13.48
CA ARG F 53 9.80 30.20 13.36
C ARG F 53 9.44 31.46 12.58
N LYS F 54 8.79 31.29 11.43
CA LYS F 54 8.33 32.40 10.58
C LYS F 54 6.87 32.19 10.19
N GLU F 55 6.09 33.24 10.37
CA GLU F 55 4.66 33.21 10.06
C GLU F 55 4.43 33.01 8.58
N CYS F 56 3.35 32.33 8.21
CA CYS F 56 2.92 32.32 6.80
C CYS F 56 2.44 33.70 6.38
N SER F 57 2.95 34.18 5.25
CA SER F 57 2.38 35.39 4.60
C SER F 57 1.62 35.03 3.30
N SER F 58 0.96 36.01 2.67
CA SER F 58 0.33 35.76 1.35
C SER F 58 1.34 35.41 0.25
N THR F 59 2.59 35.79 0.47
CA THR F 59 3.64 35.65 -0.52
C THR F 59 4.71 34.59 -0.15
N SER F 60 4.73 34.12 1.10
CA SER F 60 5.72 33.11 1.51
C SER F 60 5.18 32.13 2.53
N ASN F 61 5.62 30.89 2.42
CA ASN F 61 5.20 29.78 3.29
C ASN F 61 5.77 29.98 4.69
N ALA F 62 5.11 29.42 5.70
CA ALA F 62 5.64 29.43 7.08
C ALA F 62 6.83 28.50 7.25
N GLU F 63 7.75 28.86 8.14
CA GLU F 63 8.91 28.03 8.47
C GLU F 63 8.65 27.50 9.87
N CYS F 64 9.01 26.24 10.15
CA CYS F 64 8.87 25.69 11.52
C CYS F 64 10.22 25.53 12.21
N ASP F 65 10.19 25.57 13.54
CA ASP F 65 11.30 25.10 14.40
C ASP F 65 10.73 24.10 15.42
N CYS F 66 11.56 23.62 16.34
CA CYS F 66 11.13 22.62 17.34
C CYS F 66 10.89 23.27 18.69
N THR F 67 10.07 22.62 19.51
CA THR F 67 9.84 23.04 20.89
C THR F 67 11.08 22.84 21.75
N PRO F 68 11.14 23.49 22.94
CA PRO F 68 12.23 23.25 23.88
C PRO F 68 12.42 21.78 24.21
N GLY F 69 13.67 21.33 24.27
CA GLY F 69 14.01 19.91 24.45
C GLY F 69 14.37 19.18 23.16
N PHE F 70 14.00 19.77 22.02
CA PHE F 70 14.18 19.17 20.72
C PHE F 70 14.84 20.15 19.77
N HIS F 71 15.44 19.59 18.71
CA HIS F 71 16.11 20.39 17.68
C HIS F 71 15.79 19.87 16.28
N CYS F 72 15.89 20.76 15.30
CA CYS F 72 15.53 20.44 13.93
C CYS F 72 16.45 19.44 13.29
N LEU F 73 15.92 18.81 12.24
CA LEU F 73 16.66 17.84 11.47
C LEU F 73 16.07 17.72 10.06
N GLY F 74 16.97 17.54 9.10
CA GLY F 74 16.61 17.52 7.70
C GLY F 74 16.55 18.92 7.13
N ALA F 75 16.40 18.99 5.81
CA ALA F 75 16.19 20.26 5.12
C ALA F 75 14.80 20.81 5.42
N GLY F 76 14.73 22.10 5.75
CA GLY F 76 13.47 22.75 6.10
C GLY F 76 12.83 22.23 7.39
N CYS F 77 13.66 21.74 8.32
CA CYS F 77 13.22 21.19 9.60
C CYS F 77 12.11 20.15 9.43
N SER F 78 12.42 19.07 8.72
CA SER F 78 11.44 18.02 8.42
C SER F 78 11.04 17.20 9.64
N MET F 79 11.97 17.03 10.59
CA MET F 79 11.61 16.42 11.88
C MET F 79 12.43 16.93 13.04
N CYS F 80 11.89 16.76 14.24
CA CYS F 80 12.57 17.12 15.47
C CYS F 80 13.29 15.90 16.07
N GLU F 81 14.31 16.16 16.86
CA GLU F 81 15.03 15.09 17.56
C GLU F 81 15.35 15.57 18.95
N GLN F 82 15.19 14.69 19.93
CA GLN F 82 15.52 14.97 21.33
C GLN F 82 16.97 15.42 21.47
N ASP F 83 17.21 16.43 22.32
CA ASP F 83 18.55 17.02 22.51
C ASP F 83 19.62 15.97 22.82
N CYS F 84 20.79 16.10 22.19
CA CYS F 84 21.84 15.08 22.28
C CYS F 84 22.27 14.86 23.72
N LYS F 85 22.33 13.59 24.10
CA LYS F 85 22.61 13.19 25.48
C LYS F 85 24.11 13.34 25.82
N GLN F 86 24.56 12.66 26.88
CA GLN F 86 25.90 12.86 27.43
C GLN F 86 27.01 12.39 26.48
N GLY F 87 26.98 11.12 26.11
CA GLY F 87 28.01 10.56 25.23
C GLY F 87 28.01 11.00 23.77
N GLN F 88 26.94 11.65 23.31
CA GLN F 88 26.69 11.91 21.87
C GLN F 88 27.03 13.35 21.45
N GLU F 89 26.89 13.62 20.15
CA GLU F 89 27.08 14.95 19.56
C GLU F 89 26.17 15.16 18.34
N LEU F 90 25.72 16.40 18.14
CA LEU F 90 24.83 16.76 17.03
C LEU F 90 25.58 16.83 15.68
N THR F 91 25.12 16.00 14.74
CA THR F 91 25.54 16.05 13.34
C THR F 91 24.32 16.38 12.46
N LYS F 92 24.57 16.62 11.18
CA LYS F 92 23.50 16.88 10.19
C LYS F 92 22.49 15.72 10.13
N LYS F 93 22.99 14.49 10.19
CA LYS F 93 22.15 13.28 10.15
C LYS F 93 21.83 12.69 11.54
N GLY F 94 21.75 13.54 12.58
CA GLY F 94 21.30 13.12 13.92
C GLY F 94 22.37 13.10 15.01
N CYS F 95 21.95 12.85 16.25
CA CYS F 95 22.88 12.74 17.39
C CYS F 95 23.61 11.41 17.33
N LYS F 96 24.83 11.43 16.80
CA LYS F 96 25.68 10.23 16.75
C LYS F 96 26.63 10.22 17.99
N ASP F 97 27.08 9.03 18.38
CA ASP F 97 28.08 8.84 19.46
C ASP F 97 29.38 9.58 19.15
N CYS F 98 30.06 10.06 20.21
CA CYS F 98 31.43 10.56 20.06
C CYS F 98 32.33 9.43 19.58
N CYS F 99 33.26 9.76 18.68
CA CYS F 99 34.18 8.74 18.12
C CYS F 99 35.22 8.30 19.16
N PHE F 100 35.98 7.25 18.83
CA PHE F 100 37.05 6.77 19.71
C PHE F 100 38.13 7.85 19.81
N GLY F 101 38.60 8.09 21.04
CA GLY F 101 39.59 9.15 21.33
C GLY F 101 38.98 10.45 21.86
N THR F 102 37.66 10.57 21.80
CA THR F 102 36.96 11.81 22.11
C THR F 102 35.85 11.55 23.12
N PHE F 103 35.41 12.62 23.77
CA PHE F 103 34.37 12.59 24.79
C PHE F 103 33.48 13.84 24.74
N ASN F 104 32.28 13.74 25.32
CA ASN F 104 31.41 14.90 25.55
C ASN F 104 30.81 14.75 26.95
N ASP F 105 30.99 15.75 27.81
CA ASP F 105 30.61 15.66 29.22
C ASP F 105 29.19 16.15 29.47
N GLN F 106 28.79 17.23 28.81
CA GLN F 106 27.48 17.85 29.03
C GLN F 106 26.46 17.36 28.01
N LYS F 107 25.19 17.60 28.32
CA LYS F 107 24.10 17.46 27.36
C LYS F 107 24.19 18.61 26.35
N ARG F 108 23.67 18.37 25.13
CA ARG F 108 23.72 19.33 24.01
C ARG F 108 25.15 19.86 23.73
N GLY F 109 26.14 18.99 23.92
CA GLY F 109 27.54 19.38 23.84
C GLY F 109 28.24 18.89 22.58
N ILE F 110 29.54 19.20 22.50
CA ILE F 110 30.38 18.87 21.34
C ILE F 110 31.60 18.06 21.83
N CYS F 111 32.00 17.05 21.05
CA CYS F 111 33.10 16.17 21.42
C CYS F 111 34.48 16.85 21.30
N ARG F 112 35.24 16.84 22.40
CA ARG F 112 36.64 17.28 22.42
C ARG F 112 37.53 16.04 22.55
N PRO F 113 38.80 16.11 22.09
CA PRO F 113 39.69 14.95 22.21
C PRO F 113 40.24 14.74 23.62
N TRP F 114 40.40 13.46 24.00
CA TRP F 114 40.93 13.06 25.32
C TRP F 114 42.28 13.73 25.58
N THR F 115 42.49 14.19 26.80
CA THR F 115 43.79 14.74 27.20
C THR F 115 44.80 13.58 27.33
N ASN F 116 46.04 13.82 26.89
CA ASN F 116 47.09 12.80 26.86
C ASN F 116 47.90 12.79 28.17
N SER F 118 50.42 10.42 28.82
CA SER F 118 51.72 9.82 28.50
C SER F 118 52.67 10.83 27.83
N LEU F 119 52.12 11.71 26.99
CA LEU F 119 52.88 12.77 26.32
C LEU F 119 53.16 13.92 27.28
N ASP F 120 52.28 14.10 28.27
CA ASP F 120 52.46 15.07 29.36
C ASP F 120 53.30 14.53 30.55
N GLY F 121 53.77 13.29 30.46
CA GLY F 121 54.65 12.71 31.47
C GLY F 121 54.01 12.30 32.79
N LYS F 122 52.71 11.99 32.76
CA LYS F 122 51.95 11.56 33.94
C LYS F 122 51.29 10.19 33.72
N SER F 123 50.67 9.67 34.78
CA SER F 123 50.03 8.34 34.76
C SER F 123 48.50 8.44 34.55
N VAL F 124 47.90 7.35 34.05
CA VAL F 124 46.43 7.27 33.85
C VAL F 124 45.77 6.84 35.17
N LEU F 125 45.28 7.83 35.93
CA LEU F 125 44.53 7.56 37.17
C LEU F 125 43.15 6.96 36.87
N VAL F 126 42.46 7.56 35.90
CA VAL F 126 41.14 7.11 35.45
C VAL F 126 41.08 7.16 33.94
N ASN F 127 40.58 6.10 33.32
CA ASN F 127 40.48 5.98 31.85
C ASN F 127 39.42 6.82 31.13
N GLY F 128 39.67 7.12 29.86
CA GLY F 128 38.75 7.91 29.05
C GLY F 128 37.52 7.20 28.53
N THR F 129 36.39 7.86 28.57
CA THR F 129 35.15 7.24 28.13
C THR F 129 34.37 8.12 27.16
N LYS F 130 33.41 7.57 26.44
CA LYS F 130 32.64 8.38 25.52
C LYS F 130 32.02 9.61 26.21
N GLU F 131 31.68 9.46 27.49
CA GLU F 131 31.10 10.54 28.31
C GLU F 131 32.12 11.41 29.08
N ARG F 132 33.31 10.87 29.35
CA ARG F 132 34.21 11.43 30.39
C ARG F 132 35.65 11.55 29.90
N ASP F 133 36.30 12.66 30.22
CA ASP F 133 37.72 12.90 29.88
C ASP F 133 38.61 11.94 30.69
N VAL F 134 39.85 11.76 30.23
CA VAL F 134 40.84 10.94 30.95
C VAL F 134 41.21 11.69 32.24
N VAL F 135 41.51 10.94 33.30
CA VAL F 135 41.96 11.51 34.59
C VAL F 135 43.43 11.17 34.79
N CYS F 136 44.33 12.13 34.55
CA CYS F 136 45.78 11.92 34.70
C CYS F 136 46.18 11.84 36.18
N GLY F 137 47.32 11.21 36.45
CA GLY F 137 47.75 10.91 37.83
C GLY F 137 48.64 12.01 38.42
C1 GOL G . -1.10 -0.85 -1.21
O1 GOL G . -1.33 -1.09 -2.61
C2 GOL G . -1.19 0.64 -0.79
O2 GOL G . -2.54 1.04 -0.49
C3 GOL G . -0.61 1.56 -1.87
O3 GOL G . 0.21 2.59 -1.29
CL CL H . -17.31 10.59 11.44
CL CL I . -23.90 1.41 -7.35
S SO4 J . -23.33 0.70 -3.27
O1 SO4 J . -24.81 0.68 -3.31
O2 SO4 J . -22.76 0.37 -4.61
O3 SO4 J . -22.95 -0.31 -2.27
O4 SO4 J . -22.76 2.01 -2.85
S SO4 K . 0.98 15.81 -2.78
O1 SO4 K . 1.20 15.27 -4.14
O2 SO4 K . 0.56 17.24 -2.85
O3 SO4 K . -0.06 14.99 -2.11
O4 SO4 K . 2.24 15.67 -1.99
CL CL L . -4.85 21.77 -8.82
CL CL M . -5.86 27.14 -18.65
S SO4 N . -3.85 -2.94 -23.40
O1 SO4 N . -4.00 -2.23 -24.71
O2 SO4 N . -5.07 -3.67 -22.98
O3 SO4 N . -2.74 -3.91 -23.56
O4 SO4 N . -3.58 -1.92 -22.36
CL CL O . -14.72 -19.74 1.52
S SO4 P . -28.08 -0.85 -10.40
O1 SO4 P . -28.40 -0.86 -11.85
O2 SO4 P . -28.04 0.54 -9.88
O3 SO4 P . -29.12 -1.60 -9.66
O4 SO4 P . -26.76 -1.49 -10.16
C1 NAG Q . 34.16 -36.24 17.78
C2 NAG Q . 35.04 -36.11 19.02
C3 NAG Q . 34.53 -36.86 20.25
C4 NAG Q . 33.03 -37.15 20.31
C5 NAG Q . 32.25 -37.01 18.99
C6 NAG Q . 30.78 -36.65 19.22
C7 NAG Q . 37.43 -35.80 18.54
C8 NAG Q . 38.68 -36.49 18.12
N2 NAG Q . 36.36 -36.58 18.65
O3 NAG Q . 34.86 -36.07 21.40
O4 NAG Q . 32.94 -38.51 20.78
O5 NAG Q . 32.81 -36.00 18.15
O6 NAG Q . 30.14 -36.33 17.97
O7 NAG Q . 37.41 -34.60 18.76
CL CL R . 17.40 0.81 -17.98
S SO4 S . 20.73 -22.10 -24.26
O1 SO4 S . 21.36 -20.93 -23.60
O2 SO4 S . 19.74 -21.70 -25.30
O3 SO4 S . 20.08 -22.81 -23.14
O4 SO4 S . 21.78 -22.94 -24.93
S SO4 T . -10.89 -4.95 -30.63
O1 SO4 T . -11.97 -5.83 -31.14
O2 SO4 T . -10.90 -3.67 -31.37
O3 SO4 T . -11.11 -4.67 -29.19
O4 SO4 T . -9.58 -5.60 -30.82
NA NA U . 8.81 1.43 -29.69
C1 NAG V . 12.22 -19.13 47.80
C2 NAG V . 13.49 -19.84 48.24
C3 NAG V . 14.21 -19.01 49.30
C4 NAG V . 14.39 -17.55 48.87
C5 NAG V . 13.08 -16.97 48.30
C6 NAG V . 13.26 -15.57 47.72
C7 NAG V . 13.24 -22.30 48.08
C8 NAG V . 12.78 -23.53 48.81
N2 NAG V . 13.13 -21.15 48.76
O3 NAG V . 15.49 -19.60 49.56
O4 NAG V . 14.85 -16.79 50.00
O5 NAG V . 12.57 -17.84 47.30
O6 NAG V . 12.02 -15.08 47.18
O7 NAG V . 13.68 -22.39 46.93
C1 NAG W . 42.95 1.55 30.56
C2 NAG W . 42.97 0.19 31.32
C3 NAG W . 42.91 -1.09 30.47
C4 NAG W . 43.64 -1.00 29.12
C5 NAG W . 44.01 0.44 28.72
C6 NAG W . 44.27 0.58 27.22
C7 NAG W . 44.24 0.20 33.42
C8 NAG W . 45.59 -0.02 34.06
N2 NAG W . 44.20 0.05 32.09
O3 NAG W . 41.53 -1.47 30.27
O4 NAG W . 44.85 -1.77 29.18
O5 NAG W . 42.98 1.34 29.15
O6 NAG W . 43.10 0.24 26.45
O7 NAG W . 43.27 0.49 34.09
CL CL X . -4.56 19.96 13.91
NA NA Y . -4.19 37.24 0.51
#